data_5ZCH
#
_entry.id   5ZCH
#
_cell.length_a   71.731
_cell.length_b   76.028
_cell.length_c   78.586
_cell.angle_alpha   62.30
_cell.angle_beta   73.09
_cell.angle_gamma   65.01
#
_symmetry.space_group_name_H-M   'P 1'
#
loop_
_entity.id
_entity.type
_entity.pdbx_description
1 polymer 'Protein phosphatase 2C 50'
2 polymer 'Abscisic acid receptor PYL3'
3 non-polymer 'MAGNESIUM ION'
4 non-polymer '(2Z,4E)-5-[(1S)-1-hydroxy-2,6,6-trimethyl-4-oxocyclohex-2-en-1-yl]-3-methylpenta-2,4-dienoic acid'
5 water water
#
loop_
_entity_poly.entity_id
_entity_poly.type
_entity_poly.pdbx_seq_one_letter_code
_entity_poly.pdbx_strand_id
1 'polypeptide(L)'
;APVWGCASTRGRSAEMEDASAAVPRFADVPVRLLASRRDLDALGLDADALRLPAHLFGVFDGHGGAEVANYCRERIHVVL
SAALARLGKNLGEMGEVDMKEHWDDVFTKCFQRVDDEVSGRVTRVVNGGGEVRSEPVTAENVGSTAVVALVCSSHVVVAN
CGDSRIVLCRGKEPVALSIDHKPDRKDERARIEAQGGKVIQWNGYRVSGWLAMSRSIGDRYLKPFVIPKPEVMVVPRAKD
DDCLILASDGLWDVVSNEEACKVARRQILLWHKNNGAASPLSDEGEGSTDPAAQAAADYLMRLALKKGSEDNITVIVVDL
KPRKKLKN
;
A,B
2 'polypeptide(L)'
;ETEYVRRFHRHEPRDHQCSSAVAKHIKAPVHLVWSLVRRFDQPQLFKPFVSRCEMKGNIEIGSVREVNVKSGLPATRSTE
RLELLDDNEHILSVRFVGGDHRLKNYSSILTVHPEVIDGRPGTLVIESFVVDVPEGNTKDETCYFVEALLKCNLKSLAEV
SERLVVKDQTEPLDR
;
C,D
#
loop_
_chem_comp.id
_chem_comp.type
_chem_comp.name
_chem_comp.formula
A8S non-polymer '(2Z,4E)-5-[(1S)-1-hydroxy-2,6,6-trimethyl-4-oxocyclohex-2-en-1-yl]-3-methylpenta-2,4-dienoic acid' 'C15 H20 O4'
MG non-polymer 'MAGNESIUM ION' 'Mg 2'
#
# COMPACT_ATOMS: atom_id res chain seq x y z
N ALA A 1 -20.91 8.20 36.80
CA ALA A 1 -21.87 8.13 35.69
C ALA A 1 -21.87 9.44 34.90
N PRO A 2 -21.82 9.34 33.58
CA PRO A 2 -21.83 10.54 32.75
C PRO A 2 -23.22 11.11 32.57
N VAL A 3 -23.26 12.38 32.19
CA VAL A 3 -24.48 13.14 32.02
C VAL A 3 -24.58 13.52 30.55
N TRP A 4 -25.46 12.85 29.80
CA TRP A 4 -25.50 13.05 28.36
C TRP A 4 -26.90 12.80 27.82
N GLY A 5 -27.14 13.34 26.64
CA GLY A 5 -28.35 13.04 25.89
C GLY A 5 -28.01 12.87 24.43
N CYS A 6 -28.82 12.05 23.74
CA CYS A 6 -28.57 11.74 22.35
C CYS A 6 -29.88 11.77 21.57
N ALA A 7 -29.89 12.56 20.49
CA ALA A 7 -31.03 12.63 19.58
C ALA A 7 -30.56 12.37 18.16
N SER A 8 -31.33 11.58 17.42
CA SER A 8 -30.99 11.22 16.05
C SER A 8 -32.25 10.95 15.27
N THR A 9 -32.34 11.50 14.06
CA THR A 9 -33.49 11.28 13.19
C THR A 9 -33.03 11.15 11.75
N ARG A 10 -33.81 10.40 10.97
CA ARG A 10 -33.58 10.34 9.53
C ARG A 10 -33.93 11.65 8.86
N GLY A 11 -34.87 12.40 9.43
CA GLY A 11 -35.25 13.68 8.86
C GLY A 11 -36.03 13.50 7.56
N ARG A 12 -35.80 14.43 6.63
CA ARG A 12 -36.44 14.40 5.33
C ARG A 12 -35.67 13.59 4.30
N SER A 13 -34.54 13.01 4.68
CA SER A 13 -33.78 12.17 3.78
C SER A 13 -34.47 10.81 3.63
N ALA A 14 -34.10 10.08 2.58
CA ALA A 14 -34.83 8.86 2.25
C ALA A 14 -34.53 7.73 3.22
N GLU A 15 -33.29 7.63 3.69
CA GLU A 15 -32.96 6.63 4.69
C GLU A 15 -31.88 7.18 5.63
N MET A 16 -31.55 6.39 6.64
CA MET A 16 -30.75 6.81 7.77
C MET A 16 -29.35 6.22 7.67
N GLU A 17 -28.35 7.08 7.53
CA GLU A 17 -26.95 6.66 7.44
C GLU A 17 -26.10 7.28 8.54
N ASP A 18 -26.71 8.00 9.46
CA ASP A 18 -25.99 8.49 10.64
C ASP A 18 -25.95 7.41 11.71
N ALA A 19 -24.93 7.48 12.57
CA ALA A 19 -24.81 6.57 13.70
C ALA A 19 -24.17 7.31 14.86
N SER A 20 -24.48 6.86 16.07
CA SER A 20 -23.99 7.51 17.28
C SER A 20 -23.63 6.46 18.32
N ALA A 21 -22.68 6.81 19.18
CA ALA A 21 -22.23 5.92 20.24
C ALA A 21 -22.11 6.71 21.54
N ALA A 22 -22.50 6.08 22.65
CA ALA A 22 -22.36 6.67 23.97
C ALA A 22 -22.10 5.52 24.94
N VAL A 23 -20.83 5.30 25.25
CA VAL A 23 -20.42 4.16 26.08
C VAL A 23 -19.85 4.67 27.40
N PRO A 24 -20.59 4.56 28.51
CA PRO A 24 -20.03 4.93 29.80
C PRO A 24 -19.05 3.88 30.30
N ARG A 25 -18.00 4.34 30.97
CA ARG A 25 -16.96 3.48 31.54
C ARG A 25 -16.42 2.50 30.49
N PHE A 26 -16.15 3.01 29.29
CA PHE A 26 -15.65 2.16 28.23
C PHE A 26 -14.20 1.77 28.40
N ALA A 27 -13.42 2.57 29.13
CA ALA A 27 -12.00 2.28 29.33
C ALA A 27 -11.49 3.07 30.53
N ASP A 28 -10.25 2.78 30.91
CA ASP A 28 -9.52 3.50 31.94
C ASP A 28 -8.35 4.21 31.27
N VAL A 29 -8.28 5.53 31.42
CA VAL A 29 -7.20 6.28 30.75
C VAL A 29 -5.93 6.16 31.57
N PRO A 30 -4.81 5.76 30.98
CA PRO A 30 -3.54 5.81 31.69
C PRO A 30 -3.19 7.25 32.04
N VAL A 31 -3.03 7.51 33.33
CA VAL A 31 -2.77 8.86 33.81
C VAL A 31 -1.41 9.37 33.36
N ARG A 32 -0.54 8.48 32.86
CA ARG A 32 0.69 8.91 32.22
C ARG A 32 0.46 9.70 30.95
N LEU A 33 -0.75 9.69 30.41
CA LEU A 33 -1.11 10.51 29.26
C LEU A 33 -1.68 11.86 29.64
N LEU A 34 -1.82 12.14 30.93
CA LEU A 34 -2.32 13.43 31.41
C LEU A 34 -1.42 14.09 32.44
N ALA A 35 -0.51 13.34 33.07
CA ALA A 35 0.43 13.89 34.03
C ALA A 35 1.71 13.07 33.95
N SER A 36 2.84 13.72 34.22
CA SER A 36 4.12 13.04 34.17
C SER A 36 4.33 12.19 35.42
N ARG A 37 5.18 11.17 35.28
CA ARG A 37 5.50 10.30 36.41
C ARG A 37 6.13 11.08 37.55
N ARG A 38 6.98 12.06 37.23
CA ARG A 38 7.56 12.93 38.25
C ARG A 38 6.47 13.67 39.02
N ASP A 39 5.40 14.08 38.33
CA ASP A 39 4.38 14.92 38.95
C ASP A 39 3.64 14.18 40.07
N LEU A 40 3.39 12.89 39.88
CA LEU A 40 2.67 12.11 40.87
C LEU A 40 3.60 11.40 41.85
N ASP A 41 4.84 11.13 41.46
CA ASP A 41 5.80 10.56 42.40
C ASP A 41 6.13 11.53 43.53
N ALA A 42 6.00 12.84 43.28
CA ALA A 42 6.20 13.83 44.34
C ALA A 42 5.15 13.69 45.45
N LEU A 43 4.02 13.05 45.18
CA LEU A 43 2.99 12.81 46.17
C LEU A 43 2.90 11.34 46.55
N GLY A 44 3.86 10.52 46.12
CA GLY A 44 3.88 9.12 46.47
C GLY A 44 2.98 8.24 45.62
N LEU A 45 2.29 8.80 44.64
CA LEU A 45 1.36 8.02 43.83
C LEU A 45 2.06 7.54 42.57
N ASP A 46 1.77 6.29 42.19
CA ASP A 46 2.32 5.67 40.99
C ASP A 46 1.40 5.95 39.81
N ALA A 47 1.93 6.64 38.80
CA ALA A 47 1.12 6.97 37.63
C ALA A 47 0.77 5.74 36.81
N ASP A 48 1.55 4.67 36.90
CA ASP A 48 1.27 3.46 36.14
C ASP A 48 0.06 2.72 36.70
N ALA A 49 -0.21 2.88 38.01
CA ALA A 49 -1.23 2.08 38.69
C ALA A 49 -2.54 2.82 38.90
N LEU A 50 -2.56 4.14 38.77
CA LEU A 50 -3.78 4.91 39.00
C LEU A 50 -4.82 4.57 37.93
N ARG A 51 -6.09 4.61 38.33
CA ARG A 51 -7.19 4.34 37.42
C ARG A 51 -8.12 5.54 37.37
N LEU A 52 -8.49 5.94 36.17
CA LEU A 52 -9.41 7.06 35.94
C LEU A 52 -10.48 6.58 34.98
N PRO A 53 -11.75 6.54 35.38
CA PRO A 53 -12.80 6.10 34.45
C PRO A 53 -13.02 7.13 33.34
N ALA A 54 -13.36 6.62 32.16
CA ALA A 54 -13.62 7.48 31.02
C ALA A 54 -14.84 6.97 30.25
N HIS A 55 -15.50 7.90 29.58
CA HIS A 55 -16.65 7.61 28.73
C HIS A 55 -16.33 8.01 27.31
N LEU A 56 -16.92 7.31 26.35
CA LEU A 56 -16.71 7.59 24.93
C LEU A 56 -18.02 8.02 24.29
N PHE A 57 -17.98 9.17 23.61
CA PHE A 57 -19.10 9.67 22.83
C PHE A 57 -18.66 9.86 21.39
N GLY A 58 -19.46 9.37 20.45
CA GLY A 58 -19.07 9.46 19.05
C GLY A 58 -20.24 9.62 18.09
N VAL A 59 -20.04 10.40 17.04
CA VAL A 59 -21.02 10.60 15.99
C VAL A 59 -20.38 10.20 14.67
N PHE A 60 -21.10 9.42 13.86
CA PHE A 60 -20.55 8.85 12.63
C PHE A 60 -21.53 9.09 11.49
N ASP A 61 -21.18 10.00 10.58
CA ASP A 61 -22.01 10.36 9.44
C ASP A 61 -21.54 9.55 8.24
N GLY A 62 -22.31 8.52 7.88
CA GLY A 62 -21.94 7.68 6.76
C GLY A 62 -22.39 8.25 5.43
N HIS A 63 -21.75 7.76 4.37
CA HIS A 63 -22.11 8.12 3.00
C HIS A 63 -21.90 6.91 2.11
N GLY A 64 -22.71 6.82 1.06
CA GLY A 64 -22.72 5.64 0.22
C GLY A 64 -23.35 4.42 0.85
N GLY A 65 -23.99 4.59 2.01
CA GLY A 65 -24.53 3.48 2.78
C GLY A 65 -24.36 3.75 4.26
N ALA A 66 -24.97 2.93 5.10
CA ALA A 66 -24.90 3.11 6.55
C ALA A 66 -23.97 2.10 7.23
N GLU A 67 -23.34 1.20 6.48
CA GLU A 67 -22.66 0.07 7.11
C GLU A 67 -21.32 0.48 7.73
N VAL A 68 -20.61 1.44 7.13
CA VAL A 68 -19.36 1.91 7.74
C VAL A 68 -19.65 2.71 9.00
N ALA A 69 -20.69 3.55 8.96
CA ALA A 69 -21.08 4.31 10.15
C ALA A 69 -21.54 3.38 11.26
N ASN A 70 -22.32 2.35 10.91
CA ASN A 70 -22.75 1.38 11.92
C ASN A 70 -21.57 0.60 12.48
N TYR A 71 -20.59 0.29 11.63
CA TYR A 71 -19.41 -0.43 12.10
C TYR A 71 -18.59 0.42 13.05
N CYS A 72 -18.46 1.72 12.77
CA CYS A 72 -17.74 2.61 13.67
C CYS A 72 -18.41 2.69 15.03
N ARG A 73 -19.75 2.69 15.06
CA ARG A 73 -20.47 2.75 16.32
C ARG A 73 -20.16 1.53 17.20
N GLU A 74 -19.97 0.36 16.61
CA GLU A 74 -19.77 -0.86 17.37
C GLU A 74 -18.31 -1.17 17.67
N ARG A 75 -17.38 -0.65 16.87
CA ARG A 75 -15.99 -1.09 16.93
C ARG A 75 -15.01 -0.05 17.45
N ILE A 76 -15.27 1.24 17.21
CA ILE A 76 -14.27 2.27 17.56
C ILE A 76 -14.00 2.28 19.06
N HIS A 77 -15.05 2.18 19.88
CA HIS A 77 -14.85 2.21 21.32
C HIS A 77 -14.21 0.93 21.82
N VAL A 78 -14.45 -0.19 21.15
CA VAL A 78 -13.83 -1.46 21.56
C VAL A 78 -12.34 -1.44 21.23
N VAL A 79 -11.98 -0.99 20.03
CA VAL A 79 -10.58 -0.96 19.62
C VAL A 79 -9.81 0.05 20.47
N LEU A 80 -10.41 1.22 20.72
CA LEU A 80 -9.73 2.24 21.52
C LEU A 80 -9.56 1.80 22.97
N SER A 81 -10.57 1.12 23.52
CA SER A 81 -10.47 0.65 24.91
C SER A 81 -9.33 -0.36 25.07
N ALA A 82 -9.20 -1.29 24.13
CA ALA A 82 -8.11 -2.25 24.18
C ALA A 82 -6.76 -1.57 23.96
N ALA A 83 -6.72 -0.52 23.14
CA ALA A 83 -5.47 0.18 22.91
C ALA A 83 -5.03 0.95 24.14
N LEU A 84 -5.97 1.56 24.86
CA LEU A 84 -5.62 2.30 26.07
C LEU A 84 -5.13 1.36 27.17
N ALA A 85 -5.72 0.16 27.26
CA ALA A 85 -5.30 -0.80 28.27
C ALA A 85 -3.89 -1.30 27.99
N ARG A 86 -3.58 -1.60 26.73
CA ARG A 86 -2.24 -2.05 26.38
C ARG A 86 -1.23 -0.93 26.46
N LEU A 87 -1.63 0.31 26.15
CA LEU A 87 -0.72 1.44 26.27
C LEU A 87 -0.40 1.72 27.74
N GLY A 88 -1.38 1.52 28.64
CA GLY A 88 -1.12 1.76 30.05
C GLY A 88 -0.10 0.79 30.63
N LYS A 89 -0.03 -0.42 30.08
CA LYS A 89 0.99 -1.38 30.51
C LYS A 89 2.34 -1.08 29.89
N ASN A 90 2.37 -0.54 28.66
CA ASN A 90 3.63 -0.25 27.99
C ASN A 90 4.31 0.99 28.56
N LEU A 91 3.53 1.92 29.14
CA LEU A 91 4.12 3.08 29.78
C LEU A 91 4.65 2.78 31.18
N GLY A 92 4.56 1.54 31.63
CA GLY A 92 5.22 1.13 32.86
C GLY A 92 6.72 0.94 32.70
N GLU A 93 7.14 0.44 31.55
CA GLU A 93 8.55 0.18 31.29
C GLU A 93 9.21 1.29 30.49
N MET A 94 8.46 2.34 30.16
CA MET A 94 8.99 3.47 29.41
C MET A 94 9.05 4.71 30.31
N GLY A 95 10.18 5.41 30.28
CA GLY A 95 10.36 6.60 31.09
C GLY A 95 9.45 7.75 30.71
N GLU A 96 9.97 8.97 30.79
CA GLU A 96 9.21 10.16 30.45
C GLU A 96 8.51 9.98 29.10
N VAL A 97 7.54 10.83 28.80
CA VAL A 97 6.82 10.68 27.54
C VAL A 97 6.17 11.99 27.11
N ASP A 98 5.96 12.08 25.79
CA ASP A 98 5.27 13.19 25.14
C ASP A 98 3.79 12.83 25.12
N MET A 99 3.01 13.44 26.02
CA MET A 99 1.64 12.98 26.24
C MET A 99 0.74 13.26 25.05
N LYS A 100 0.84 14.44 24.45
CA LYS A 100 -0.04 14.76 23.33
C LYS A 100 0.40 14.01 22.05
N GLU A 101 1.68 13.65 21.95
CA GLU A 101 2.11 12.84 20.82
C GLU A 101 1.57 11.41 20.93
N HIS A 102 1.51 10.89 22.16
CA HIS A 102 0.93 9.57 22.36
C HIS A 102 -0.58 9.60 22.19
N TRP A 103 -1.22 10.74 22.49
CA TRP A 103 -2.65 10.88 22.24
C TRP A 103 -2.94 10.86 20.74
N ASP A 104 -2.13 11.59 19.95
CA ASP A 104 -2.25 11.51 18.51
C ASP A 104 -1.99 10.09 18.02
N ASP A 105 -1.06 9.38 18.69
CA ASP A 105 -0.65 8.06 18.23
C ASP A 105 -1.74 7.01 18.48
N VAL A 106 -2.35 7.03 19.66
CA VAL A 106 -3.32 6.00 19.99
C VAL A 106 -4.62 6.18 19.21
N PHE A 107 -4.97 7.43 18.87
CA PHE A 107 -6.18 7.67 18.09
C PHE A 107 -5.95 7.40 16.61
N THR A 108 -4.77 7.74 16.09
CA THR A 108 -4.46 7.48 14.69
C THR A 108 -4.46 5.99 14.40
N LYS A 109 -3.81 5.21 15.26
CA LYS A 109 -3.77 3.76 15.05
C LYS A 109 -5.12 3.11 15.27
N CYS A 110 -5.94 3.67 16.16
CA CYS A 110 -7.28 3.14 16.37
C CYS A 110 -8.16 3.38 15.15
N PHE A 111 -8.11 4.59 14.60
CA PHE A 111 -8.88 4.89 13.39
C PHE A 111 -8.36 4.10 12.19
N GLN A 112 -7.03 3.96 12.07
CA GLN A 112 -6.47 3.18 10.99
C GLN A 112 -6.82 1.70 11.12
N ARG A 113 -6.95 1.19 12.35
CA ARG A 113 -7.30 -0.21 12.54
C ARG A 113 -8.73 -0.48 12.12
N VAL A 114 -9.66 0.40 12.49
CA VAL A 114 -11.05 0.24 12.07
C VAL A 114 -11.17 0.43 10.56
N ASP A 115 -10.36 1.32 9.98
CA ASP A 115 -10.33 1.46 8.53
C ASP A 115 -9.81 0.20 7.87
N ASP A 116 -8.76 -0.42 8.44
CA ASP A 116 -8.23 -1.65 7.89
C ASP A 116 -9.23 -2.80 8.01
N GLU A 117 -10.02 -2.83 9.08
CA GLU A 117 -11.05 -3.84 9.21
C GLU A 117 -12.17 -3.62 8.20
N VAL A 118 -12.56 -2.36 8.00
CA VAL A 118 -13.63 -2.04 7.04
C VAL A 118 -13.22 -2.48 5.63
N SER A 119 -11.96 -2.25 5.26
CA SER A 119 -11.50 -2.57 3.92
C SER A 119 -11.19 -4.06 3.73
N GLY A 120 -11.33 -4.87 4.77
CA GLY A 120 -11.01 -6.28 4.64
C GLY A 120 -9.54 -6.58 4.57
N ARG A 121 -8.67 -5.62 4.91
CA ARG A 121 -7.24 -5.82 4.83
C ARG A 121 -6.68 -6.56 6.03
N VAL A 122 -7.45 -6.61 7.13
CA VAL A 122 -7.10 -7.39 8.31
C VAL A 122 -8.32 -8.19 8.72
N THR A 123 -8.10 -9.19 9.58
CA THR A 123 -9.17 -10.04 10.06
C THR A 123 -9.83 -9.40 11.28
N ARG A 124 -11.11 -9.74 11.47
CA ARG A 124 -11.92 -9.15 12.52
C ARG A 124 -12.79 -10.23 13.15
N VAL A 125 -13.19 -9.98 14.39
CA VAL A 125 -14.06 -10.90 15.12
C VAL A 125 -15.41 -10.26 15.40
N GLY A 130 -17.20 -15.31 18.06
CA GLY A 130 -16.13 -16.27 17.84
C GLY A 130 -15.69 -16.38 16.39
N GLU A 131 -16.63 -16.09 15.48
CA GLU A 131 -16.33 -16.21 14.06
C GLU A 131 -15.38 -15.10 13.60
N VAL A 132 -14.51 -15.44 12.66
CA VAL A 132 -13.57 -14.50 12.06
C VAL A 132 -14.08 -14.09 10.69
N ARG A 133 -13.89 -12.82 10.33
CA ARG A 133 -14.23 -12.30 9.02
C ARG A 133 -13.03 -11.57 8.44
N SER A 134 -12.78 -11.76 7.15
CA SER A 134 -11.63 -11.17 6.49
C SER A 134 -11.97 -10.36 5.24
N GLU A 135 -13.11 -10.59 4.61
CA GLU A 135 -13.47 -9.83 3.42
C GLU A 135 -14.00 -8.45 3.84
N PRO A 136 -13.95 -7.47 2.92
CA PRO A 136 -14.36 -6.10 3.29
C PRO A 136 -15.78 -6.05 3.82
N VAL A 137 -16.01 -5.07 4.70
CA VAL A 137 -17.33 -4.91 5.30
C VAL A 137 -18.35 -4.50 4.23
N THR A 138 -17.95 -3.65 3.29
CA THR A 138 -18.85 -3.16 2.28
C THR A 138 -18.05 -2.76 1.03
N ALA A 139 -18.74 -2.14 0.08
CA ALA A 139 -18.16 -1.79 -1.21
C ALA A 139 -17.11 -0.69 -1.08
N GLU A 140 -16.42 -0.43 -2.19
CA GLU A 140 -15.31 0.51 -2.22
C GLU A 140 -15.75 1.96 -2.07
N ASN A 141 -17.04 2.26 -2.25
CA ASN A 141 -17.52 3.63 -2.27
C ASN A 141 -18.29 4.04 -1.02
N VAL A 142 -18.20 3.25 0.05
CA VAL A 142 -18.91 3.55 1.29
C VAL A 142 -17.91 4.05 2.32
N GLY A 143 -18.28 5.08 3.07
CA GLY A 143 -17.44 5.63 4.10
C GLY A 143 -18.24 6.26 5.22
N SER A 144 -17.57 6.97 6.13
CA SER A 144 -18.25 7.62 7.24
C SER A 144 -17.31 8.59 7.92
N THR A 145 -17.86 9.71 8.38
CA THR A 145 -17.13 10.59 9.27
C THR A 145 -16.99 9.94 10.65
N ALA A 146 -16.12 10.53 11.47
CA ALA A 146 -15.94 10.06 12.84
C ALA A 146 -15.46 11.22 13.69
N VAL A 147 -16.31 11.70 14.59
CA VAL A 147 -15.94 12.66 15.61
C VAL A 147 -16.15 11.96 16.96
N VAL A 148 -15.09 11.90 17.75
CA VAL A 148 -15.07 11.11 18.97
C VAL A 148 -14.60 12.00 20.11
N ALA A 149 -15.25 11.88 21.28
CA ALA A 149 -14.91 12.65 22.46
C ALA A 149 -14.69 11.69 23.62
N LEU A 150 -13.45 11.60 24.08
CA LEU A 150 -13.11 10.88 25.30
C LEU A 150 -13.30 11.82 26.49
N VAL A 151 -14.22 11.48 27.39
CA VAL A 151 -14.59 12.35 28.49
C VAL A 151 -14.22 11.65 29.80
N CYS A 152 -13.41 12.32 30.61
CA CYS A 152 -13.13 11.90 31.98
C CYS A 152 -13.34 13.11 32.89
N SER A 153 -13.06 12.92 34.19
CA SER A 153 -13.38 13.97 35.15
C SER A 153 -12.50 15.19 34.97
N SER A 154 -11.29 15.02 34.43
CA SER A 154 -10.33 16.12 34.32
C SER A 154 -10.12 16.62 32.90
N HIS A 155 -10.24 15.77 31.90
CA HIS A 155 -9.87 16.13 30.53
C HIS A 155 -10.96 15.71 29.55
N VAL A 156 -10.95 16.35 28.39
CA VAL A 156 -11.78 15.96 27.25
C VAL A 156 -10.86 15.84 26.04
N VAL A 157 -10.73 14.62 25.52
CA VAL A 157 -9.86 14.34 24.38
C VAL A 157 -10.73 14.17 23.14
N VAL A 158 -10.37 14.89 22.08
CA VAL A 158 -11.17 14.98 20.87
C VAL A 158 -10.41 14.37 19.70
N ALA A 159 -11.07 13.50 18.95
CA ALA A 159 -10.53 12.98 17.69
C ALA A 159 -11.57 13.18 16.61
N ASN A 160 -11.19 13.89 15.54
CA ASN A 160 -12.11 14.25 14.47
C ASN A 160 -11.63 13.73 13.14
N CYS A 161 -12.57 13.20 12.34
CA CYS A 161 -12.27 12.71 11.01
C CYS A 161 -13.52 12.96 10.15
N GLY A 162 -13.46 13.99 9.31
CA GLY A 162 -14.57 14.31 8.44
C GLY A 162 -15.15 15.69 8.66
N ASP A 163 -16.40 15.90 8.24
CA ASP A 163 -17.06 17.20 8.39
C ASP A 163 -18.08 17.20 9.51
N SER A 164 -18.02 16.24 10.42
CA SER A 164 -18.73 16.35 11.67
C SER A 164 -17.93 17.22 12.62
N ARG A 165 -18.61 17.75 13.64
CA ARG A 165 -17.99 18.72 14.52
C ARG A 165 -18.39 18.47 15.97
N ILE A 166 -17.46 18.80 16.88
CA ILE A 166 -17.73 18.84 18.31
C ILE A 166 -17.38 20.24 18.79
N VAL A 167 -18.30 20.85 19.55
CA VAL A 167 -18.14 22.20 20.04
C VAL A 167 -18.33 22.20 21.55
N LEU A 168 -17.44 22.90 22.25
CA LEU A 168 -17.49 23.03 23.70
C LEU A 168 -17.96 24.41 24.09
N CYS A 169 -18.88 24.47 25.04
CA CYS A 169 -19.39 25.74 25.58
C CYS A 169 -18.62 26.05 26.86
N ARG A 170 -17.84 27.12 26.83
CA ARG A 170 -17.00 27.51 27.96
C ARG A 170 -17.10 29.01 28.14
N GLY A 171 -17.61 29.45 29.28
CA GLY A 171 -17.75 30.87 29.54
C GLY A 171 -18.94 31.48 28.84
N LYS A 172 -19.96 30.69 28.55
CA LYS A 172 -21.12 31.14 27.78
C LYS A 172 -20.72 31.53 26.35
N GLU A 173 -19.62 30.93 25.89
CA GLU A 173 -19.06 30.92 24.53
C GLU A 173 -18.60 29.60 23.92
N PRO A 174 -18.97 29.37 22.67
CA PRO A 174 -18.55 28.15 21.97
C PRO A 174 -17.09 28.20 21.60
N VAL A 175 -16.45 27.03 21.72
CA VAL A 175 -15.07 26.81 21.33
C VAL A 175 -15.08 25.56 20.46
N ALA A 176 -14.72 25.71 19.20
CA ALA A 176 -14.71 24.56 18.30
C ALA A 176 -13.52 23.67 18.64
N LEU A 177 -13.80 22.40 18.92
CA LEU A 177 -12.77 21.44 19.27
C LEU A 177 -12.30 20.63 18.08
N SER A 178 -12.80 20.94 16.88
CA SER A 178 -12.43 20.22 15.68
C SER A 178 -12.62 21.14 14.48
N ILE A 179 -11.73 21.01 13.50
CA ILE A 179 -11.81 21.76 12.25
C ILE A 179 -12.28 20.81 11.17
N ASP A 180 -13.35 21.19 10.46
CA ASP A 180 -13.91 20.34 9.43
C ASP A 180 -12.89 20.04 8.35
N HIS A 181 -12.88 18.78 7.88
CA HIS A 181 -11.93 18.35 6.86
C HIS A 181 -12.54 18.56 5.47
N LYS A 182 -12.74 19.84 5.15
CA LYS A 182 -13.21 20.19 3.82
C LYS A 182 -12.03 20.16 2.84
N PRO A 183 -12.24 19.65 1.62
CA PRO A 183 -11.11 19.52 0.68
C PRO A 183 -10.56 20.84 0.20
N ASP A 184 -11.29 21.95 0.34
CA ASP A 184 -10.76 23.26 -0.04
C ASP A 184 -9.97 23.92 1.08
N ARG A 185 -9.93 23.32 2.27
CA ARG A 185 -9.03 23.78 3.31
C ARG A 185 -7.60 23.77 2.79
N LYS A 186 -6.82 24.79 3.16
CA LYS A 186 -5.60 25.07 2.43
C LYS A 186 -4.50 24.05 2.73
N ASP A 187 -4.52 23.44 3.92
CA ASP A 187 -3.61 22.34 4.18
C ASP A 187 -4.09 21.05 3.55
N GLU A 188 -5.41 20.81 3.58
CA GLU A 188 -5.96 19.60 2.97
C GLU A 188 -5.85 19.67 1.45
N ARG A 189 -6.10 20.86 0.87
CA ARG A 189 -5.91 21.02 -0.56
C ARG A 189 -4.47 20.77 -0.96
N ALA A 190 -3.53 21.41 -0.26
CA ALA A 190 -2.10 21.23 -0.58
C ALA A 190 -1.68 19.77 -0.42
N ARG A 191 -2.22 19.08 0.59
CA ARG A 191 -1.87 17.69 0.79
C ARG A 191 -2.39 16.81 -0.34
N ILE A 192 -3.63 17.04 -0.78
CA ILE A 192 -4.23 16.21 -1.82
C ILE A 192 -3.49 16.39 -3.15
N GLU A 193 -3.24 17.64 -3.54
CA GLU A 193 -2.55 17.89 -4.80
C GLU A 193 -1.08 17.48 -4.75
N ALA A 194 -0.49 17.35 -3.56
CA ALA A 194 0.89 16.93 -3.46
C ALA A 194 1.08 15.50 -3.94
N GLN A 195 0.05 14.66 -3.84
CA GLN A 195 0.13 13.26 -4.28
C GLN A 195 -0.55 13.04 -5.62
N GLY A 196 -0.73 14.09 -6.42
CA GLY A 196 -1.33 13.96 -7.73
C GLY A 196 -2.85 14.01 -7.75
N GLY A 197 -3.49 14.35 -6.63
CA GLY A 197 -4.94 14.44 -6.59
C GLY A 197 -5.45 15.82 -6.96
N LYS A 198 -6.76 15.90 -7.15
CA LYS A 198 -7.41 17.15 -7.55
C LYS A 198 -8.56 17.47 -6.60
N VAL A 199 -8.68 18.75 -6.25
CA VAL A 199 -9.83 19.28 -5.53
C VAL A 199 -10.62 20.10 -6.52
N ILE A 200 -11.83 19.65 -6.85
CA ILE A 200 -12.61 20.20 -7.95
C ILE A 200 -13.90 20.78 -7.40
N GLN A 201 -14.17 22.05 -7.75
CA GLN A 201 -15.44 22.68 -7.44
C GLN A 201 -16.52 22.09 -8.33
N TRP A 202 -17.31 21.16 -7.79
CA TRP A 202 -18.31 20.41 -8.54
C TRP A 202 -19.51 20.20 -7.62
N ASN A 203 -20.42 21.16 -7.61
CA ASN A 203 -21.45 21.29 -6.57
C ASN A 203 -20.80 21.26 -5.19
N GLY A 204 -19.90 22.21 -4.98
CA GLY A 204 -19.06 22.24 -3.80
C GLY A 204 -17.69 21.66 -4.09
N TYR A 205 -16.70 22.11 -3.31
CA TYR A 205 -15.35 21.60 -3.48
C TYR A 205 -15.29 20.14 -3.05
N ARG A 206 -14.74 19.29 -3.91
CA ARG A 206 -14.78 17.85 -3.68
C ARG A 206 -13.47 17.21 -4.10
N VAL A 207 -13.08 16.16 -3.36
CA VAL A 207 -11.93 15.35 -3.75
C VAL A 207 -12.27 14.60 -5.03
N SER A 208 -11.46 14.83 -6.07
CA SER A 208 -11.68 14.25 -7.40
C SER A 208 -13.03 14.64 -7.98
N GLY A 209 -13.63 15.71 -7.48
CA GLY A 209 -14.98 16.08 -7.87
C GLY A 209 -16.07 15.23 -7.25
N TRP A 210 -15.72 14.38 -6.29
CA TRP A 210 -16.65 13.38 -5.76
C TRP A 210 -16.98 13.67 -4.31
N LEU A 211 -16.04 13.49 -3.38
CA LEU A 211 -16.34 13.51 -1.95
C LEU A 211 -16.17 14.91 -1.40
N ALA A 212 -17.19 15.39 -0.68
CA ALA A 212 -17.20 16.72 -0.10
C ALA A 212 -16.37 16.83 1.19
N MET A 213 -15.58 15.80 1.52
CA MET A 213 -14.68 15.87 2.66
C MET A 213 -13.36 15.21 2.26
N SER A 214 -12.30 15.59 2.98
CA SER A 214 -10.96 15.14 2.67
C SER A 214 -10.46 14.01 3.58
N ARG A 215 -11.18 13.71 4.65
CA ARG A 215 -10.79 12.63 5.56
C ARG A 215 -12.04 11.87 5.99
N SER A 216 -11.92 10.55 6.05
CA SER A 216 -13.03 9.68 6.43
C SER A 216 -12.52 8.27 6.62
N ILE A 217 -13.31 7.47 7.33
CA ILE A 217 -13.06 6.04 7.47
C ILE A 217 -13.71 5.31 6.30
N GLY A 218 -12.97 4.37 5.70
CA GLY A 218 -13.44 3.67 4.53
C GLY A 218 -13.07 4.38 3.25
N ASP A 219 -13.96 4.34 2.26
CA ASP A 219 -13.74 5.01 0.97
C ASP A 219 -12.39 4.62 0.37
N ARG A 220 -12.14 3.31 0.31
CA ARG A 220 -10.82 2.84 -0.09
C ARG A 220 -10.52 3.10 -1.56
N TYR A 221 -11.53 3.39 -2.39
CA TYR A 221 -11.24 3.76 -3.77
C TYR A 221 -10.57 5.13 -3.84
N LEU A 222 -11.01 6.07 -3.02
CA LEU A 222 -10.50 7.44 -3.06
C LEU A 222 -9.18 7.60 -2.32
N LYS A 223 -8.56 6.52 -1.88
CA LYS A 223 -7.24 6.59 -1.28
C LYS A 223 -6.18 6.73 -2.37
N PRO A 224 -5.02 7.36 -2.06
CA PRO A 224 -4.61 7.89 -0.77
C PRO A 224 -4.97 9.36 -0.55
N PHE A 225 -5.94 9.86 -1.32
CA PHE A 225 -6.34 11.26 -1.16
C PHE A 225 -7.21 11.47 0.08
N VAL A 226 -8.15 10.55 0.32
CA VAL A 226 -8.96 10.57 1.52
C VAL A 226 -8.35 9.59 2.52
N ILE A 227 -7.93 10.11 3.67
CA ILE A 227 -7.21 9.31 4.65
C ILE A 227 -7.99 9.25 5.96
N PRO A 228 -7.82 8.20 6.77
CA PRO A 228 -8.52 8.13 8.05
C PRO A 228 -7.73 8.72 9.21
N LYS A 229 -6.79 9.62 8.90
CA LYS A 229 -5.95 10.21 9.94
C LYS A 229 -6.74 11.25 10.72
N PRO A 230 -6.93 11.07 12.03
CA PRO A 230 -7.68 12.05 12.81
C PRO A 230 -6.80 13.18 13.33
N GLU A 231 -7.46 14.29 13.67
CA GLU A 231 -6.83 15.41 14.33
C GLU A 231 -7.24 15.41 15.80
N VAL A 232 -6.27 15.26 16.70
CA VAL A 232 -6.52 15.06 18.11
C VAL A 232 -6.20 16.34 18.88
N MET A 233 -7.02 16.65 19.87
CA MET A 233 -6.83 17.81 20.73
C MET A 233 -7.20 17.46 22.16
N VAL A 234 -6.29 17.73 23.09
CA VAL A 234 -6.51 17.48 24.51
C VAL A 234 -6.98 18.78 25.17
N VAL A 235 -8.14 18.75 25.80
CA VAL A 235 -8.74 19.94 26.39
C VAL A 235 -8.99 19.71 27.88
N PRO A 236 -8.21 20.35 28.77
CA PRO A 236 -8.51 20.25 30.20
C PRO A 236 -9.83 20.93 30.55
N ARG A 237 -10.58 20.32 31.46
CA ARG A 237 -11.88 20.83 31.84
C ARG A 237 -11.76 21.99 32.83
N ALA A 238 -12.80 22.82 32.86
CA ALA A 238 -12.86 23.96 33.75
C ALA A 238 -14.28 24.13 34.26
N LYS A 239 -14.44 24.93 35.32
CA LYS A 239 -15.77 25.20 35.85
C LYS A 239 -16.65 25.91 34.82
N ASP A 240 -16.05 26.78 34.01
CA ASP A 240 -16.82 27.51 33.01
C ASP A 240 -17.40 26.61 31.94
N ASP A 241 -16.97 25.35 31.87
CA ASP A 241 -17.51 24.43 30.88
C ASP A 241 -18.98 24.18 31.14
N ASP A 242 -19.81 24.38 30.11
CA ASP A 242 -21.26 24.20 30.22
C ASP A 242 -21.70 22.85 29.67
N CYS A 243 -21.43 22.59 28.40
CA CYS A 243 -21.86 21.35 27.78
C CYS A 243 -21.03 21.09 26.54
N LEU A 244 -21.10 19.85 26.05
CA LEU A 244 -20.41 19.42 24.84
C LEU A 244 -21.46 19.05 23.80
N ILE A 245 -21.21 19.46 22.55
CA ILE A 245 -22.13 19.23 21.44
C ILE A 245 -21.39 18.47 20.36
N LEU A 246 -21.73 17.20 20.18
CA LEU A 246 -21.26 16.39 19.07
C LEU A 246 -22.40 16.22 18.07
N ALA A 247 -22.13 16.52 16.80
CA ALA A 247 -23.19 16.47 15.81
C ALA A 247 -22.62 16.32 14.41
N SER A 248 -23.40 15.69 13.55
CA SER A 248 -23.08 15.59 12.14
C SER A 248 -23.39 16.91 11.43
N ASP A 249 -23.01 16.98 10.16
CA ASP A 249 -23.23 18.21 9.39
C ASP A 249 -24.71 18.54 9.21
N GLY A 250 -25.61 17.60 9.51
CA GLY A 250 -27.02 17.89 9.45
C GLY A 250 -27.43 19.04 10.37
N LEU A 251 -26.67 19.26 11.44
CA LEU A 251 -26.90 20.39 12.33
C LEU A 251 -26.05 21.60 11.95
N TRP A 252 -24.76 21.38 11.73
CA TRP A 252 -23.84 22.49 11.47
C TRP A 252 -24.02 23.12 10.09
N ASP A 253 -24.82 22.51 9.20
CA ASP A 253 -25.07 23.12 7.90
C ASP A 253 -26.08 24.26 7.99
N VAL A 254 -26.89 24.29 9.06
CA VAL A 254 -27.90 25.34 9.22
C VAL A 254 -27.79 26.06 10.56
N VAL A 255 -27.07 25.53 11.54
CA VAL A 255 -26.95 26.12 12.86
C VAL A 255 -25.47 26.38 13.13
N SER A 256 -25.14 27.60 13.52
CA SER A 256 -23.78 27.96 13.85
C SER A 256 -23.42 27.47 15.26
N ASN A 257 -22.14 27.61 15.60
CA ASN A 257 -21.68 27.19 16.92
C ASN A 257 -22.33 28.03 18.02
N GLU A 258 -22.45 29.34 17.80
CA GLU A 258 -23.03 30.23 18.81
C GLU A 258 -24.51 29.97 19.00
N GLU A 259 -25.23 29.76 17.88
CA GLU A 259 -26.67 29.46 17.98
C GLU A 259 -26.89 28.11 18.66
N ALA A 260 -26.02 27.14 18.39
CA ALA A 260 -26.18 25.82 19.00
C ALA A 260 -25.87 25.85 20.48
N CYS A 261 -24.87 26.63 20.88
CA CYS A 261 -24.47 26.68 22.29
C CYS A 261 -25.49 27.44 23.13
N LYS A 262 -26.03 28.54 22.60
CA LYS A 262 -27.02 29.32 23.34
C LYS A 262 -28.28 28.50 23.58
N VAL A 263 -28.70 27.72 22.57
CA VAL A 263 -29.87 26.87 22.70
C VAL A 263 -29.55 25.68 23.61
N ALA A 264 -28.29 25.27 23.61
CA ALA A 264 -27.84 24.15 24.42
C ALA A 264 -27.25 24.60 25.76
N ARG A 265 -28.01 25.40 26.50
CA ARG A 265 -27.60 25.90 27.80
C ARG A 265 -28.87 26.31 28.54
N ARG A 266 -29.84 26.78 27.77
CA ARG A 266 -31.14 27.21 28.26
C ARG A 266 -32.11 26.05 28.38
N GLN A 267 -31.95 25.01 27.55
CA GLN A 267 -32.75 23.81 27.75
C GLN A 267 -32.20 22.99 28.90
N ILE A 268 -30.88 23.04 29.11
CA ILE A 268 -30.25 22.28 30.19
C ILE A 268 -30.49 22.95 31.53
N LEU A 269 -30.24 24.27 31.61
CA LEU A 269 -30.55 25.03 32.83
C LEU A 269 -31.98 24.80 33.26
N LEU A 270 -32.91 24.77 32.31
CA LEU A 270 -34.30 24.47 32.59
C LEU A 270 -34.49 22.97 32.78
N SER A 288 -28.19 5.07 30.71
CA SER A 288 -29.43 5.83 30.53
C SER A 288 -29.13 7.32 30.42
N THR A 289 -29.89 8.01 29.59
CA THR A 289 -29.67 9.44 29.35
C THR A 289 -30.32 10.29 30.43
N ASP A 290 -29.83 11.54 30.54
CA ASP A 290 -30.33 12.56 31.45
C ASP A 290 -31.41 13.38 30.75
N PRO A 291 -32.56 13.62 31.39
CA PRO A 291 -33.62 14.40 30.72
C PRO A 291 -33.18 15.79 30.32
N ALA A 292 -32.28 16.42 31.07
CA ALA A 292 -31.85 17.78 30.74
C ALA A 292 -31.03 17.81 29.46
N ALA A 293 -29.97 17.00 29.40
CA ALA A 293 -29.15 16.94 28.19
C ALA A 293 -29.94 16.38 27.01
N GLN A 294 -30.83 15.43 27.27
CA GLN A 294 -31.69 14.90 26.20
C GLN A 294 -32.59 15.99 25.64
N ALA A 295 -33.10 16.87 26.50
CA ALA A 295 -33.95 17.97 26.03
C ALA A 295 -33.16 18.94 25.16
N ALA A 296 -31.88 19.17 25.49
CA ALA A 296 -31.06 20.03 24.65
C ALA A 296 -30.75 19.38 23.30
N ALA A 297 -30.47 18.08 23.31
CA ALA A 297 -30.21 17.37 22.06
C ALA A 297 -31.46 17.30 21.19
N ASP A 298 -32.61 16.98 21.79
CA ASP A 298 -33.85 16.92 21.03
C ASP A 298 -34.23 18.29 20.49
N TYR A 299 -33.95 19.36 21.25
CA TYR A 299 -34.27 20.70 20.78
C TYR A 299 -33.31 21.14 19.69
N LEU A 300 -32.03 20.80 19.83
CA LEU A 300 -31.06 21.15 18.79
C LEU A 300 -31.36 20.41 17.49
N MET A 301 -31.77 19.15 17.62
CA MET A 301 -32.13 18.34 16.47
C MET A 301 -33.39 18.90 15.79
N ARG A 302 -34.38 19.34 16.57
CA ARG A 302 -35.60 19.89 16.00
C ARG A 302 -35.46 21.37 15.64
N LEU A 303 -34.38 22.01 16.05
CA LEU A 303 -34.02 23.32 15.50
C LEU A 303 -33.43 23.18 14.10
N ALA A 304 -32.61 22.15 13.89
CA ALA A 304 -32.05 21.93 12.56
C ALA A 304 -33.13 21.59 11.54
N LEU A 305 -34.21 20.94 11.98
CA LEU A 305 -35.30 20.60 11.07
C LEU A 305 -36.19 21.79 10.75
N LYS A 306 -36.16 22.85 11.57
CA LYS A 306 -36.91 24.06 11.25
C LYS A 306 -36.14 25.00 10.34
N LYS A 307 -34.80 24.90 10.31
CA LYS A 307 -33.94 25.84 9.60
C LYS A 307 -33.64 25.43 8.17
N GLY A 308 -34.38 24.50 7.59
CA GLY A 308 -34.17 24.12 6.21
C GLY A 308 -33.09 23.08 5.99
N SER A 309 -33.04 22.05 6.82
CA SER A 309 -32.08 20.97 6.69
C SER A 309 -32.81 19.66 6.40
N GLU A 310 -32.52 19.05 5.25
CA GLU A 310 -33.15 17.81 4.84
C GLU A 310 -32.21 16.62 4.94
N ASP A 311 -31.13 16.75 5.70
CA ASP A 311 -30.20 15.65 5.93
C ASP A 311 -30.54 14.95 7.25
N ASN A 312 -29.93 13.78 7.45
CA ASN A 312 -29.98 13.12 8.74
C ASN A 312 -29.42 14.05 9.81
N ILE A 313 -30.02 14.01 11.00
CA ILE A 313 -29.59 14.82 12.13
C ILE A 313 -29.25 13.91 13.29
N THR A 314 -28.07 14.10 13.86
CA THR A 314 -27.62 13.37 15.04
C THR A 314 -26.92 14.34 15.96
N VAL A 315 -27.41 14.49 17.18
CA VAL A 315 -26.86 15.44 18.15
C VAL A 315 -26.63 14.71 19.46
N ILE A 316 -25.44 14.85 20.02
CA ILE A 316 -25.11 14.34 21.35
C ILE A 316 -24.76 15.55 22.21
N VAL A 317 -25.48 15.72 23.32
CA VAL A 317 -25.23 16.79 24.27
C VAL A 317 -24.74 16.16 25.58
N VAL A 318 -23.51 16.48 25.96
CA VAL A 318 -22.91 15.99 27.19
C VAL A 318 -22.78 17.17 28.14
N ASP A 319 -23.40 17.05 29.32
CA ASP A 319 -23.36 18.11 30.32
C ASP A 319 -22.09 17.97 31.17
N LEU A 320 -21.35 19.06 31.30
CA LEU A 320 -20.07 19.04 32.01
C LEU A 320 -20.10 19.69 33.40
N LYS A 321 -21.20 20.33 33.79
CA LYS A 321 -21.25 20.81 35.17
C LYS A 321 -21.60 19.68 36.13
N PRO A 322 -21.09 19.73 37.37
CA PRO A 322 -21.37 18.72 38.39
C PRO A 322 -22.85 18.64 38.77
N HIS B 9 -15.07 3.10 -30.98
CA HIS B 9 -15.02 4.29 -30.15
C HIS B 9 -14.62 5.53 -30.95
N ARG B 10 -15.43 5.91 -31.93
CA ARG B 10 -15.10 7.11 -32.72
C ARG B 10 -15.79 8.33 -32.12
N HIS B 11 -15.24 8.77 -30.99
CA HIS B 11 -15.70 9.98 -30.31
C HIS B 11 -14.80 11.11 -30.78
N GLU B 12 -15.42 12.26 -31.08
CA GLU B 12 -14.68 13.45 -31.45
C GLU B 12 -15.44 14.66 -30.87
N PRO B 13 -14.97 15.24 -29.78
CA PRO B 13 -15.77 16.28 -29.09
C PRO B 13 -15.60 17.66 -29.69
N ARG B 14 -16.70 18.43 -29.66
CA ARG B 14 -16.65 19.82 -30.08
C ARG B 14 -15.82 20.64 -29.09
N ASP B 15 -15.74 21.94 -29.37
CA ASP B 15 -14.88 22.81 -28.57
C ASP B 15 -15.38 22.98 -27.14
N HIS B 16 -16.70 22.97 -26.94
CA HIS B 16 -17.28 23.14 -25.61
C HIS B 16 -17.44 21.81 -24.87
N GLN B 17 -16.84 20.73 -25.38
CA GLN B 17 -16.94 19.41 -24.80
C GLN B 17 -15.56 18.85 -24.52
N CYS B 18 -15.54 17.72 -23.82
CA CYS B 18 -14.31 16.99 -23.58
C CYS B 18 -14.59 15.50 -23.77
N SER B 19 -13.52 14.72 -23.89
CA SER B 19 -13.66 13.30 -24.15
C SER B 19 -12.42 12.58 -23.66
N SER B 20 -12.61 11.36 -23.17
CA SER B 20 -11.51 10.53 -22.70
C SER B 20 -11.98 9.08 -22.71
N ALA B 21 -11.15 8.19 -22.19
CA ALA B 21 -11.48 6.76 -22.18
C ALA B 21 -10.68 6.08 -21.07
N VAL B 22 -11.23 4.97 -20.58
CA VAL B 22 -10.56 4.13 -19.61
C VAL B 22 -10.68 2.68 -20.06
N ALA B 23 -9.75 1.85 -19.58
CA ALA B 23 -9.71 0.45 -19.95
C ALA B 23 -9.46 -0.38 -18.70
N LYS B 24 -9.75 -1.68 -18.81
CA LYS B 24 -9.61 -2.58 -17.67
C LYS B 24 -9.54 -4.01 -18.18
N HIS B 25 -8.56 -4.77 -17.69
CA HIS B 25 -8.43 -6.19 -18.02
C HIS B 25 -9.17 -7.01 -16.97
N ILE B 26 -10.04 -7.90 -17.43
CA ILE B 26 -10.84 -8.76 -16.56
C ILE B 26 -10.47 -10.20 -16.82
N LYS B 27 -10.18 -10.95 -15.76
CA LYS B 27 -9.84 -12.36 -15.87
C LYS B 27 -11.13 -13.20 -15.86
N ALA B 28 -11.87 -13.08 -16.96
CA ALA B 28 -13.16 -13.74 -17.10
C ALA B 28 -13.49 -13.82 -18.59
N PRO B 29 -14.27 -14.81 -19.02
CA PRO B 29 -14.65 -14.89 -20.42
C PRO B 29 -15.53 -13.71 -20.83
N VAL B 30 -15.52 -13.44 -22.14
CA VAL B 30 -16.28 -12.31 -22.68
C VAL B 30 -17.77 -12.48 -22.43
N HIS B 31 -18.28 -13.70 -22.65
CA HIS B 31 -19.71 -13.93 -22.47
C HIS B 31 -20.15 -13.70 -21.04
N LEU B 32 -19.26 -13.87 -20.07
CA LEU B 32 -19.60 -13.62 -18.68
C LEU B 32 -19.61 -12.12 -18.37
N VAL B 33 -18.59 -11.40 -18.85
CA VAL B 33 -18.56 -9.95 -18.67
C VAL B 33 -19.70 -9.30 -19.43
N TRP B 34 -19.98 -9.79 -20.64
CA TRP B 34 -21.05 -9.22 -21.44
C TRP B 34 -22.42 -9.45 -20.81
N SER B 35 -22.62 -10.59 -20.14
CA SER B 35 -23.92 -10.88 -19.54
C SER B 35 -24.28 -9.91 -18.44
N LEU B 36 -23.30 -9.22 -17.85
CA LEU B 36 -23.58 -8.22 -16.82
C LEU B 36 -23.77 -6.82 -17.40
N VAL B 37 -22.90 -6.43 -18.33
CA VAL B 37 -22.95 -5.08 -18.89
C VAL B 37 -24.21 -4.88 -19.72
N ARG B 38 -24.61 -5.90 -20.47
CA ARG B 38 -25.71 -5.76 -21.42
C ARG B 38 -27.08 -5.65 -20.76
N ARG B 39 -27.18 -5.84 -19.44
CA ARG B 39 -28.47 -5.80 -18.77
C ARG B 39 -28.74 -4.34 -18.40
N PHE B 40 -29.36 -3.64 -19.36
CA PHE B 40 -29.56 -2.20 -19.24
C PHE B 40 -30.52 -1.85 -18.11
N ASP B 41 -31.44 -2.75 -17.77
CA ASP B 41 -32.42 -2.46 -16.74
C ASP B 41 -31.90 -2.68 -15.32
N GLN B 42 -30.70 -3.23 -15.16
CA GLN B 42 -30.13 -3.49 -13.84
C GLN B 42 -28.64 -3.17 -13.84
N PRO B 43 -28.30 -1.89 -13.91
CA PRO B 43 -26.87 -1.51 -13.83
C PRO B 43 -26.26 -1.75 -12.47
N GLN B 44 -27.07 -1.85 -11.41
CA GLN B 44 -26.55 -2.13 -10.08
C GLN B 44 -25.92 -3.50 -9.96
N LEU B 45 -26.04 -4.34 -11.00
CA LEU B 45 -25.35 -5.63 -11.00
C LEU B 45 -23.85 -5.46 -10.84
N PHE B 46 -23.29 -4.37 -11.39
CA PHE B 46 -21.86 -4.11 -11.28
C PHE B 46 -21.52 -2.66 -10.95
N LYS B 47 -22.45 -1.73 -11.06
CA LYS B 47 -22.16 -0.33 -10.75
C LYS B 47 -22.32 -0.09 -9.25
N PRO B 48 -21.27 0.33 -8.54
CA PRO B 48 -21.37 0.47 -7.08
C PRO B 48 -22.15 1.68 -6.63
N PHE B 49 -22.42 2.66 -7.51
CA PHE B 49 -23.10 3.88 -7.11
C PHE B 49 -24.61 3.81 -7.23
N VAL B 50 -25.14 2.82 -7.94
CA VAL B 50 -26.58 2.76 -8.18
C VAL B 50 -27.26 2.07 -7.00
N SER B 51 -28.25 2.73 -6.43
CA SER B 51 -29.09 2.16 -5.39
C SER B 51 -30.37 1.55 -5.92
N ARG B 52 -31.06 2.25 -6.83
CA ARG B 52 -32.29 1.75 -7.43
C ARG B 52 -32.30 2.12 -8.91
N CYS B 53 -32.87 1.25 -9.73
CA CYS B 53 -33.03 1.51 -11.15
C CYS B 53 -34.38 1.01 -11.61
N GLU B 54 -35.13 1.87 -12.32
CA GLU B 54 -36.43 1.54 -12.85
C GLU B 54 -36.41 1.68 -14.37
N MET B 55 -36.92 0.67 -15.06
CA MET B 55 -37.00 0.70 -16.53
C MET B 55 -38.23 -0.09 -16.95
N LYS B 56 -39.10 0.56 -17.71
CA LYS B 56 -40.35 -0.05 -18.13
C LYS B 56 -40.20 -0.72 -19.49
N GLY B 57 -40.89 -1.85 -19.67
CA GLY B 57 -40.98 -2.47 -20.96
C GLY B 57 -39.81 -3.36 -21.31
N ASN B 58 -39.75 -3.72 -22.59
CA ASN B 58 -38.69 -4.56 -23.11
C ASN B 58 -37.45 -3.73 -23.42
N ILE B 59 -36.29 -4.34 -23.19
CA ILE B 59 -35.02 -3.66 -23.48
C ILE B 59 -34.83 -3.56 -24.99
N GLU B 60 -34.71 -2.34 -25.49
CA GLU B 60 -34.49 -2.11 -26.92
C GLU B 60 -33.88 -0.73 -27.09
N ILE B 61 -33.48 -0.44 -28.33
CA ILE B 61 -32.95 0.89 -28.65
C ILE B 61 -34.02 1.94 -28.35
N GLY B 62 -33.65 2.95 -27.57
CA GLY B 62 -34.58 3.96 -27.13
C GLY B 62 -35.12 3.75 -25.73
N SER B 63 -34.87 2.59 -25.13
CA SER B 63 -35.31 2.34 -23.76
C SER B 63 -34.68 3.35 -22.81
N VAL B 64 -35.45 3.79 -21.83
CA VAL B 64 -35.02 4.81 -20.88
C VAL B 64 -35.09 4.21 -19.48
N ARG B 65 -34.02 4.39 -18.71
CA ARG B 65 -33.96 3.93 -17.33
C ARG B 65 -33.77 5.14 -16.41
N GLU B 66 -34.31 5.01 -15.20
CA GLU B 66 -34.18 6.04 -14.17
C GLU B 66 -33.34 5.47 -13.04
N VAL B 67 -32.22 6.11 -12.75
CA VAL B 67 -31.24 5.63 -11.79
C VAL B 67 -31.23 6.56 -10.58
N ASN B 68 -31.25 5.98 -9.38
CA ASN B 68 -31.00 6.69 -8.14
C ASN B 68 -29.65 6.25 -7.60
N VAL B 69 -28.77 7.21 -7.35
CA VAL B 69 -27.42 6.90 -6.87
C VAL B 69 -27.36 7.14 -5.38
N LYS B 70 -26.39 6.49 -4.73
CA LYS B 70 -26.25 6.57 -3.29
C LYS B 70 -25.71 7.94 -2.87
N SER B 71 -25.77 8.20 -1.57
CA SER B 71 -25.33 9.48 -1.03
C SER B 71 -23.82 9.64 -1.16
N GLY B 72 -23.35 10.86 -0.88
CA GLY B 72 -21.94 11.19 -0.97
C GLY B 72 -21.49 11.69 -2.33
N LEU B 73 -22.35 11.64 -3.34
CA LEU B 73 -22.01 12.04 -4.69
C LEU B 73 -22.58 13.41 -5.02
N PRO B 74 -22.06 14.09 -6.05
CA PRO B 74 -22.59 15.41 -6.41
C PRO B 74 -24.03 15.38 -6.90
N ALA B 75 -24.54 14.22 -7.29
CA ALA B 75 -25.90 14.10 -7.81
C ALA B 75 -26.63 12.99 -7.07
N THR B 76 -27.95 12.92 -7.29
CA THR B 76 -28.79 11.91 -6.67
C THR B 76 -29.57 11.06 -7.66
N ARG B 77 -29.73 11.49 -8.90
CA ARG B 77 -30.52 10.75 -9.87
C ARG B 77 -30.01 11.04 -11.27
N SER B 78 -30.34 10.15 -12.21
CA SER B 78 -29.96 10.31 -13.60
C SER B 78 -30.93 9.56 -14.49
N THR B 79 -31.23 10.15 -15.65
CA THR B 79 -32.08 9.53 -16.67
C THR B 79 -31.23 9.25 -17.90
N GLU B 80 -31.24 7.99 -18.34
CA GLU B 80 -30.32 7.52 -19.36
C GLU B 80 -31.07 6.73 -20.43
N ARG B 81 -30.66 6.92 -21.69
CA ARG B 81 -31.28 6.28 -22.83
C ARG B 81 -30.30 5.32 -23.49
N LEU B 82 -30.78 4.12 -23.82
CA LEU B 82 -29.97 3.14 -24.55
C LEU B 82 -29.94 3.49 -26.03
N GLU B 83 -28.74 3.77 -26.55
CA GLU B 83 -28.60 4.16 -27.95
C GLU B 83 -28.08 3.06 -28.85
N LEU B 84 -27.41 2.05 -28.31
CA LEU B 84 -26.84 0.99 -29.14
C LEU B 84 -26.56 -0.23 -28.27
N LEU B 85 -26.93 -1.41 -28.79
CA LEU B 85 -26.68 -2.66 -28.10
C LEU B 85 -26.49 -3.74 -29.16
N ASP B 86 -25.24 -4.14 -29.39
CA ASP B 86 -24.88 -5.15 -30.37
C ASP B 86 -24.42 -6.40 -29.62
N ASP B 87 -25.24 -7.44 -29.65
CA ASP B 87 -24.94 -8.69 -28.95
C ASP B 87 -23.94 -9.56 -29.69
N ASN B 88 -23.42 -9.12 -30.84
CA ASN B 88 -22.41 -9.87 -31.59
C ASN B 88 -21.04 -9.22 -31.53
N GLU B 89 -20.97 -7.90 -31.63
CA GLU B 89 -19.71 -7.18 -31.46
C GLU B 89 -19.46 -6.73 -30.03
N HIS B 90 -20.43 -6.94 -29.14
CA HIS B 90 -20.32 -6.58 -27.73
C HIS B 90 -20.07 -5.08 -27.56
N ILE B 91 -21.02 -4.30 -28.07
CA ILE B 91 -20.97 -2.84 -28.01
C ILE B 91 -22.19 -2.36 -27.24
N LEU B 92 -21.98 -1.42 -26.33
CA LEU B 92 -23.06 -0.78 -25.59
C LEU B 92 -22.82 0.72 -25.57
N SER B 93 -23.87 1.48 -25.92
CA SER B 93 -23.80 2.93 -25.96
C SER B 93 -24.98 3.50 -25.20
N VAL B 94 -24.71 4.48 -24.33
CA VAL B 94 -25.72 5.06 -23.46
C VAL B 94 -25.56 6.57 -23.48
N ARG B 95 -26.68 7.29 -23.50
CA ARG B 95 -26.69 8.74 -23.47
C ARG B 95 -27.53 9.21 -22.30
N PHE B 96 -27.01 10.20 -21.56
CA PHE B 96 -27.73 10.76 -20.42
C PHE B 96 -28.65 11.87 -20.92
N VAL B 97 -29.95 11.72 -20.64
CA VAL B 97 -30.93 12.70 -21.08
C VAL B 97 -31.46 13.56 -19.93
N GLY B 98 -31.31 13.14 -18.68
CA GLY B 98 -31.79 13.93 -17.57
C GLY B 98 -31.15 13.52 -16.27
N GLY B 99 -31.63 14.16 -15.19
CA GLY B 99 -31.13 13.97 -13.84
C GLY B 99 -30.85 15.31 -13.21
N ASP B 100 -30.20 15.26 -12.04
CA ASP B 100 -29.77 16.47 -11.34
C ASP B 100 -28.26 16.59 -11.29
N HIS B 101 -27.56 15.95 -12.23
CA HIS B 101 -26.11 16.00 -12.28
C HIS B 101 -25.64 17.13 -13.18
N ARG B 102 -24.32 17.27 -13.33
CA ARG B 102 -23.72 18.29 -14.15
C ARG B 102 -23.04 17.71 -15.39
N LEU B 103 -23.47 16.54 -15.84
CA LEU B 103 -22.94 15.90 -17.03
C LEU B 103 -24.00 15.99 -18.13
N LYS B 104 -24.06 17.15 -18.77
CA LYS B 104 -25.05 17.39 -19.82
C LYS B 104 -24.57 16.85 -21.15
N ASN B 105 -25.48 16.21 -21.88
CA ASN B 105 -25.18 15.61 -23.19
C ASN B 105 -24.08 14.55 -23.09
N TYR B 106 -24.01 13.88 -21.94
CA TYR B 106 -23.06 12.80 -21.76
C TYR B 106 -23.42 11.62 -22.67
N SER B 107 -22.44 11.14 -23.42
CA SER B 107 -22.60 9.98 -24.27
C SER B 107 -21.40 9.07 -24.09
N SER B 108 -21.65 7.78 -23.90
CA SER B 108 -20.59 6.82 -23.61
C SER B 108 -20.70 5.62 -24.52
N ILE B 109 -19.55 5.00 -24.81
CA ILE B 109 -19.47 3.78 -25.60
C ILE B 109 -18.63 2.77 -24.84
N LEU B 110 -19.17 1.58 -24.63
CA LEU B 110 -18.48 0.51 -23.92
C LEU B 110 -18.36 -0.69 -24.85
N THR B 111 -17.15 -1.22 -24.98
CA THR B 111 -16.90 -2.40 -25.80
C THR B 111 -16.14 -3.44 -24.99
N VAL B 112 -16.37 -4.70 -25.34
CA VAL B 112 -15.72 -5.84 -24.69
C VAL B 112 -15.05 -6.68 -25.76
N HIS B 113 -13.81 -7.10 -25.49
CA HIS B 113 -13.03 -7.84 -26.47
C HIS B 113 -12.36 -9.05 -25.81
N PRO B 114 -12.24 -10.16 -26.53
CA PRO B 114 -11.56 -11.34 -25.97
C PRO B 114 -10.05 -11.19 -25.98
N GLU B 115 -9.42 -11.86 -25.02
CA GLU B 115 -7.97 -11.85 -24.88
C GLU B 115 -7.61 -12.97 -23.89
N VAL B 116 -6.32 -13.32 -23.87
CA VAL B 116 -5.79 -14.33 -22.97
C VAL B 116 -5.03 -13.64 -21.85
N ILE B 117 -5.44 -13.89 -20.61
CA ILE B 117 -4.81 -13.32 -19.43
C ILE B 117 -4.36 -14.48 -18.55
N ASP B 118 -3.06 -14.61 -18.37
CA ASP B 118 -2.47 -15.66 -17.52
C ASP B 118 -2.88 -17.06 -17.97
N GLY B 119 -2.88 -17.29 -19.27
CA GLY B 119 -3.18 -18.61 -19.81
C GLY B 119 -4.63 -19.03 -19.73
N ARG B 120 -5.54 -18.12 -19.44
CA ARG B 120 -6.96 -18.42 -19.34
C ARG B 120 -7.74 -17.38 -20.13
N PRO B 121 -8.99 -17.68 -20.49
CA PRO B 121 -9.79 -16.70 -21.23
C PRO B 121 -10.00 -15.44 -20.40
N GLY B 122 -9.73 -14.28 -21.02
CA GLY B 122 -9.87 -13.01 -20.35
C GLY B 122 -10.69 -12.04 -21.18
N THR B 123 -10.82 -10.82 -20.64
CA THR B 123 -11.67 -9.80 -21.24
C THR B 123 -11.02 -8.44 -21.09
N LEU B 124 -11.05 -7.65 -22.16
CA LEU B 124 -10.63 -6.26 -22.15
C LEU B 124 -11.85 -5.39 -22.35
N VAL B 125 -12.11 -4.49 -21.41
CA VAL B 125 -13.25 -3.58 -21.46
C VAL B 125 -12.73 -2.18 -21.70
N ILE B 126 -13.30 -1.49 -22.69
CA ILE B 126 -12.97 -0.11 -22.99
C ILE B 126 -14.25 0.72 -22.93
N GLU B 127 -14.20 1.85 -22.22
CA GLU B 127 -15.34 2.76 -22.12
C GLU B 127 -14.85 4.18 -22.36
N SER B 128 -15.38 4.82 -23.39
CA SER B 128 -15.07 6.20 -23.72
C SER B 128 -16.33 7.05 -23.61
N PHE B 129 -16.15 8.36 -23.52
CA PHE B 129 -17.28 9.24 -23.29
C PHE B 129 -17.05 10.59 -23.97
N VAL B 130 -18.16 11.28 -24.22
CA VAL B 130 -18.16 12.69 -24.61
C VAL B 130 -19.20 13.39 -23.74
N VAL B 131 -18.84 14.57 -23.23
CA VAL B 131 -19.71 15.30 -22.32
C VAL B 131 -19.39 16.79 -22.43
N ASP B 132 -20.41 17.61 -22.20
CA ASP B 132 -20.20 19.06 -22.13
C ASP B 132 -19.39 19.39 -20.89
N VAL B 133 -18.52 20.39 -21.01
CA VAL B 133 -17.80 20.92 -19.85
C VAL B 133 -18.74 21.86 -19.12
N PRO B 134 -19.08 21.59 -17.86
CA PRO B 134 -19.95 22.50 -17.12
C PRO B 134 -19.25 23.81 -16.85
N GLU B 135 -20.05 24.82 -16.52
CA GLU B 135 -19.51 26.16 -16.34
C GLU B 135 -18.79 26.27 -14.99
N GLY B 136 -17.63 26.90 -15.00
CA GLY B 136 -16.74 26.93 -13.86
C GLY B 136 -15.71 25.82 -13.80
N ASN B 137 -15.69 24.91 -14.78
CA ASN B 137 -14.77 23.78 -14.77
C ASN B 137 -13.98 23.74 -16.07
N THR B 138 -12.91 22.96 -16.07
CA THR B 138 -12.04 22.77 -17.22
C THR B 138 -12.27 21.40 -17.84
N LYS B 139 -11.64 21.19 -19.00
CA LYS B 139 -11.74 19.88 -19.66
C LYS B 139 -11.04 18.80 -18.87
N ASP B 140 -9.95 19.12 -18.18
CA ASP B 140 -9.22 18.10 -17.43
C ASP B 140 -9.84 17.85 -16.06
N GLU B 141 -10.53 18.85 -15.50
CA GLU B 141 -11.31 18.60 -14.28
C GLU B 141 -12.48 17.68 -14.58
N THR B 142 -13.21 17.96 -15.66
CA THR B 142 -14.34 17.11 -16.05
C THR B 142 -13.86 15.71 -16.40
N CYS B 143 -12.78 15.61 -17.18
CA CYS B 143 -12.25 14.30 -17.55
C CYS B 143 -11.77 13.54 -16.31
N TYR B 144 -11.11 14.22 -15.38
CA TYR B 144 -10.67 13.57 -14.16
C TYR B 144 -11.85 13.04 -13.35
N PHE B 145 -12.93 13.82 -13.27
CA PHE B 145 -14.10 13.40 -12.51
C PHE B 145 -14.76 12.17 -13.14
N VAL B 146 -14.99 12.21 -14.46
CA VAL B 146 -15.65 11.09 -15.12
C VAL B 146 -14.76 9.85 -15.11
N GLU B 147 -13.45 10.04 -15.31
CA GLU B 147 -12.53 8.90 -15.31
C GLU B 147 -12.51 8.20 -13.96
N ALA B 148 -12.57 8.97 -12.87
CA ALA B 148 -12.59 8.37 -11.54
C ALA B 148 -13.81 7.48 -11.35
N LEU B 149 -14.98 7.94 -11.82
CA LEU B 149 -16.20 7.15 -11.68
C LEU B 149 -16.15 5.91 -12.57
N LEU B 150 -15.64 6.06 -13.80
CA LEU B 150 -15.63 4.94 -14.72
C LEU B 150 -14.65 3.85 -14.27
N LYS B 151 -13.49 4.26 -13.74
CA LYS B 151 -12.55 3.27 -13.22
C LYS B 151 -13.13 2.53 -12.02
N CYS B 152 -13.90 3.23 -11.18
CA CYS B 152 -14.59 2.57 -10.09
C CYS B 152 -15.65 1.61 -10.62
N ASN B 153 -16.33 1.98 -11.69
CA ASN B 153 -17.33 1.10 -12.30
C ASN B 153 -16.66 -0.15 -12.87
N LEU B 154 -15.58 0.02 -13.63
CA LEU B 154 -14.93 -1.11 -14.28
C LEU B 154 -14.25 -2.02 -13.26
N LYS B 155 -13.69 -1.45 -12.19
CA LYS B 155 -13.08 -2.28 -11.16
C LYS B 155 -14.12 -3.14 -10.46
N SER B 156 -15.31 -2.58 -10.23
CA SER B 156 -16.39 -3.38 -9.63
C SER B 156 -16.90 -4.43 -10.62
N LEU B 157 -16.94 -4.10 -11.91
CA LEU B 157 -17.32 -5.08 -12.91
C LEU B 157 -16.31 -6.22 -12.96
N ALA B 158 -15.02 -5.90 -12.83
CA ALA B 158 -13.99 -6.94 -12.83
C ALA B 158 -14.15 -7.87 -11.64
N GLU B 159 -14.38 -7.31 -10.44
CA GLU B 159 -14.50 -8.14 -9.25
C GLU B 159 -15.77 -8.97 -9.27
N VAL B 160 -16.85 -8.47 -9.86
CA VAL B 160 -18.07 -9.26 -9.98
C VAL B 160 -17.91 -10.33 -11.04
N SER B 161 -17.29 -9.98 -12.17
CA SER B 161 -17.07 -10.98 -13.22
C SER B 161 -16.16 -12.10 -12.75
N GLU B 162 -15.16 -11.77 -11.93
CA GLU B 162 -14.18 -12.75 -11.49
C GLU B 162 -14.66 -13.55 -10.29
N ARG B 163 -15.77 -13.16 -9.66
CA ARG B 163 -16.41 -14.02 -8.67
C ARG B 163 -17.36 -15.02 -9.29
N LEU B 164 -17.73 -14.83 -10.55
CA LEU B 164 -18.61 -15.75 -11.26
C LEU B 164 -17.84 -16.84 -12.00
N VAL B 165 -16.53 -16.69 -12.17
CA VAL B 165 -15.70 -17.75 -12.71
C VAL B 165 -15.52 -18.86 -11.69
N PRO C 2 29.12 -0.34 -30.89
CA PRO C 2 29.00 -1.14 -29.67
C PRO C 2 30.18 -2.09 -29.47
N VAL C 3 31.08 -1.72 -28.56
CA VAL C 3 32.29 -2.48 -28.28
C VAL C 3 32.20 -2.92 -26.82
N TRP C 4 31.91 -4.20 -26.60
CA TRP C 4 31.67 -4.69 -25.25
C TRP C 4 32.04 -6.17 -25.15
N GLY C 5 32.26 -6.61 -23.92
CA GLY C 5 32.44 -8.02 -23.63
C GLY C 5 31.69 -8.40 -22.36
N CYS C 6 31.27 -9.66 -22.30
CA CYS C 6 30.47 -10.14 -21.18
C CYS C 6 30.93 -11.51 -20.74
N ALA C 7 31.19 -11.64 -19.44
CA ALA C 7 31.55 -12.91 -18.82
C ALA C 7 30.62 -13.19 -17.65
N SER C 8 30.19 -14.45 -17.50
CA SER C 8 29.27 -14.82 -16.44
C SER C 8 29.52 -16.28 -16.04
N THR C 9 29.61 -16.54 -14.74
CA THR C 9 29.84 -17.89 -14.24
C THR C 9 29.05 -18.10 -12.98
N ARG C 10 28.67 -19.35 -12.73
CA ARG C 10 28.07 -19.72 -11.46
C ARG C 10 29.11 -19.71 -10.34
N GLY C 11 30.37 -20.01 -10.66
CA GLY C 11 31.40 -20.02 -9.64
C GLY C 11 31.24 -21.21 -8.72
N ARG C 12 31.52 -20.98 -7.44
CA ARG C 12 31.38 -22.01 -6.43
C ARG C 12 29.98 -22.07 -5.83
N SER C 13 29.07 -21.21 -6.29
CA SER C 13 27.70 -21.23 -5.77
C SER C 13 26.93 -22.43 -6.33
N ALA C 14 25.84 -22.76 -5.64
CA ALA C 14 25.07 -23.96 -5.98
C ALA C 14 24.24 -23.77 -7.25
N GLU C 15 23.74 -22.55 -7.49
CA GLU C 15 22.96 -22.27 -8.68
C GLU C 15 23.29 -20.86 -9.17
N MET C 16 22.74 -20.52 -10.34
CA MET C 16 23.08 -19.30 -11.06
C MET C 16 21.90 -18.35 -10.97
N GLU C 17 22.11 -17.22 -10.29
CA GLU C 17 21.06 -16.21 -10.13
C GLU C 17 21.49 -14.85 -10.66
N ASP C 18 22.65 -14.76 -11.28
CA ASP C 18 23.05 -13.54 -11.97
C ASP C 18 22.45 -13.49 -13.36
N ALA C 19 22.26 -12.28 -13.87
CA ALA C 19 21.79 -12.08 -15.23
C ALA C 19 22.42 -10.82 -15.79
N SER C 20 22.57 -10.78 -17.11
CA SER C 20 23.21 -9.65 -17.77
C SER C 20 22.50 -9.37 -19.08
N ALA C 21 22.54 -8.10 -19.49
CA ALA C 21 21.92 -7.66 -20.72
C ALA C 21 22.89 -6.75 -21.48
N ALA C 22 22.92 -6.92 -22.80
CA ALA C 22 23.72 -6.06 -23.68
C ALA C 22 22.97 -5.94 -24.99
N VAL C 23 22.22 -4.85 -25.15
CA VAL C 23 21.35 -4.64 -26.29
C VAL C 23 21.91 -3.47 -27.09
N PRO C 24 22.55 -3.69 -28.24
CA PRO C 24 22.96 -2.58 -29.08
C PRO C 24 21.77 -1.98 -29.80
N ARG C 25 21.79 -0.65 -29.95
CA ARG C 25 20.72 0.09 -30.62
C ARG C 25 19.34 -0.28 -30.07
N PHE C 26 19.25 -0.32 -28.74
CA PHE C 26 18.01 -0.71 -28.09
C PHE C 26 16.94 0.37 -28.20
N ALA C 27 17.33 1.63 -28.40
CA ALA C 27 16.38 2.71 -28.51
C ALA C 27 17.06 3.88 -29.21
N ASP C 28 16.26 4.90 -29.53
CA ASP C 28 16.76 6.15 -30.08
C ASP C 28 16.53 7.26 -29.05
N VAL C 29 17.60 7.90 -28.62
CA VAL C 29 17.51 8.91 -27.58
C VAL C 29 17.12 10.24 -28.21
N PRO C 30 16.06 10.90 -27.75
CA PRO C 30 15.79 12.28 -28.18
C PRO C 30 16.95 13.18 -27.79
N VAL C 31 17.55 13.83 -28.79
CA VAL C 31 18.74 14.63 -28.58
C VAL C 31 18.49 15.83 -27.68
N ARG C 32 17.23 16.16 -27.42
CA ARG C 32 16.93 17.17 -26.40
C ARG C 32 17.36 16.70 -25.00
N LEU C 33 17.65 15.42 -24.83
CA LEU C 33 18.17 14.89 -23.57
C LEU C 33 19.68 14.83 -23.52
N LEU C 34 20.37 15.22 -24.60
CA LEU C 34 21.83 15.21 -24.63
C LEU C 34 22.46 16.52 -25.08
N ALA C 35 21.72 17.42 -25.72
CA ALA C 35 22.27 18.68 -26.16
C ALA C 35 21.18 19.75 -26.10
N SER C 36 21.61 20.99 -25.85
CA SER C 36 20.67 22.09 -25.74
C SER C 36 20.18 22.52 -27.12
N ARG C 37 18.99 23.11 -27.15
CA ARG C 37 18.43 23.61 -28.41
C ARG C 37 19.30 24.72 -29.00
N ARG C 38 19.84 25.58 -28.13
CA ARG C 38 20.76 26.62 -28.59
C ARG C 38 22.00 26.02 -29.23
N ASP C 39 22.50 24.91 -28.69
CA ASP C 39 23.74 24.31 -29.19
C ASP C 39 23.58 23.80 -30.60
N LEU C 40 22.39 23.27 -30.94
CA LEU C 40 22.17 22.73 -32.26
C LEU C 40 21.57 23.75 -33.23
N ASP C 41 20.89 24.78 -32.71
CA ASP C 41 20.41 25.85 -33.58
C ASP C 41 21.57 26.63 -34.18
N ALA C 42 22.72 26.68 -33.49
CA ALA C 42 23.90 27.32 -34.04
C ALA C 42 24.39 26.60 -35.29
N LEU C 43 23.98 25.35 -35.49
CA LEU C 43 24.34 24.58 -36.67
C LEU C 43 23.17 24.33 -37.61
N GLY C 44 22.04 24.99 -37.36
CA GLY C 44 20.88 24.88 -38.23
C GLY C 44 20.01 23.65 -38.03
N LEU C 45 20.33 22.79 -37.07
CA LEU C 45 19.60 21.55 -36.84
C LEU C 45 18.54 21.72 -35.76
N ASP C 46 17.41 21.04 -35.95
CA ASP C 46 16.30 21.06 -34.99
C ASP C 46 16.51 19.98 -33.94
N ALA C 47 16.65 20.39 -32.68
CA ALA C 47 16.87 19.43 -31.60
C ALA C 47 15.64 18.59 -31.30
N ASP C 48 14.45 19.07 -31.64
CA ASP C 48 13.23 18.32 -31.32
C ASP C 48 13.09 17.05 -32.15
N ALA C 49 13.64 17.04 -33.36
CA ALA C 49 13.41 15.93 -34.27
C ALA C 49 14.56 14.94 -34.34
N LEU C 50 15.76 15.33 -33.93
CA LEU C 50 16.90 14.42 -34.01
C LEU C 50 16.79 13.30 -32.99
N ARG C 51 17.22 12.10 -33.40
CA ARG C 51 17.27 10.92 -32.56
C ARG C 51 18.66 10.31 -32.65
N LEU C 52 19.19 9.84 -31.53
CA LEU C 52 20.52 9.25 -31.47
C LEU C 52 20.44 7.85 -30.88
N PRO C 53 20.85 6.82 -31.61
CA PRO C 53 20.77 5.45 -31.07
C PRO C 53 21.70 5.25 -29.89
N ALA C 54 21.26 4.41 -28.96
CA ALA C 54 22.01 4.12 -27.75
C ALA C 54 21.92 2.64 -27.46
N HIS C 55 22.89 2.16 -26.68
CA HIS C 55 22.92 0.76 -26.25
C HIS C 55 22.72 0.69 -24.75
N LEU C 56 22.14 -0.42 -24.30
CA LEU C 56 21.87 -0.64 -22.89
C LEU C 56 22.69 -1.82 -22.40
N PHE C 57 23.41 -1.61 -21.31
CA PHE C 57 24.17 -2.66 -20.63
C PHE C 57 23.68 -2.75 -19.20
N GLY C 58 23.41 -3.98 -18.75
CA GLY C 58 22.87 -4.16 -17.42
C GLY C 58 23.31 -5.44 -16.74
N VAL C 59 23.53 -5.36 -15.43
CA VAL C 59 23.88 -6.51 -14.60
C VAL C 59 22.82 -6.64 -13.52
N PHE C 60 22.32 -7.86 -13.31
CA PHE C 60 21.20 -8.11 -12.41
C PHE C 60 21.55 -9.27 -11.48
N ASP C 61 21.81 -8.95 -10.22
CA ASP C 61 22.17 -9.94 -9.20
C ASP C 61 20.90 -10.30 -8.44
N GLY C 62 20.35 -11.47 -8.75
CA GLY C 62 19.15 -11.91 -8.08
C GLY C 62 19.42 -12.57 -6.74
N HIS C 63 18.36 -12.60 -5.92
CA HIS C 63 18.42 -13.28 -4.63
C HIS C 63 17.06 -13.90 -4.36
N GLY C 64 17.07 -15.03 -3.64
CA GLY C 64 15.86 -15.79 -3.46
C GLY C 64 15.41 -16.52 -4.70
N GLY C 65 16.22 -16.54 -5.74
CA GLY C 65 15.85 -17.10 -7.03
C GLY C 65 16.42 -16.27 -8.17
N ALA C 66 16.31 -16.77 -9.39
CA ALA C 66 16.82 -16.08 -10.56
C ALA C 66 15.74 -15.42 -11.40
N GLU C 67 14.48 -15.50 -10.97
CA GLU C 67 13.37 -15.13 -11.85
C GLU C 67 13.22 -13.62 -11.99
N VAL C 68 13.51 -12.86 -10.92
CA VAL C 68 13.45 -11.40 -11.02
C VAL C 68 14.63 -10.87 -11.85
N ALA C 69 15.82 -11.44 -11.63
CA ALA C 69 16.98 -11.03 -12.41
C ALA C 69 16.80 -11.33 -13.89
N ASN C 70 16.26 -12.51 -14.20
CA ASN C 70 15.98 -12.85 -15.60
C ASN C 70 14.91 -11.94 -16.19
N TYR C 71 13.91 -11.58 -15.39
CA TYR C 71 12.86 -10.70 -15.88
C TYR C 71 13.39 -9.31 -16.17
N CYS C 72 14.29 -8.80 -15.31
CA CYS C 72 14.90 -7.50 -15.57
C CYS C 72 15.73 -7.53 -16.84
N ARG C 73 16.40 -8.65 -17.11
CA ARG C 73 17.20 -8.78 -18.32
C ARG C 73 16.34 -8.67 -19.57
N GLU C 74 15.10 -9.17 -19.50
CA GLU C 74 14.22 -9.18 -20.67
C GLU C 74 13.34 -7.94 -20.78
N ARG C 75 13.08 -7.23 -19.69
CA ARG C 75 12.05 -6.20 -19.67
C ARG C 75 12.58 -4.78 -19.53
N ILE C 76 13.70 -4.58 -18.81
CA ILE C 76 14.14 -3.22 -18.51
C ILE C 76 14.44 -2.45 -19.78
N HIS C 77 15.13 -3.08 -20.74
CA HIS C 77 15.47 -2.37 -21.97
C HIS C 77 14.24 -2.13 -22.84
N VAL C 78 13.24 -3.01 -22.75
CA VAL C 78 12.01 -2.80 -23.50
C VAL C 78 11.20 -1.65 -22.92
N VAL C 79 11.08 -1.61 -21.59
CA VAL C 79 10.31 -0.55 -20.94
C VAL C 79 11.01 0.80 -21.14
N LEU C 80 12.33 0.83 -21.01
CA LEU C 80 13.06 2.09 -21.18
C LEU C 80 12.99 2.58 -22.62
N SER C 81 13.08 1.66 -23.58
CA SER C 81 13.01 2.05 -25.00
C SER C 81 11.66 2.68 -25.32
N ALA C 82 10.57 2.07 -24.83
CA ALA C 82 9.25 2.65 -25.06
C ALA C 82 9.08 3.97 -24.31
N ALA C 83 9.70 4.10 -23.14
CA ALA C 83 9.59 5.35 -22.40
C ALA C 83 10.35 6.48 -23.08
N LEU C 84 11.52 6.18 -23.66
CA LEU C 84 12.29 7.20 -24.36
C LEU C 84 11.57 7.68 -25.61
N ALA C 85 10.88 6.77 -26.30
CA ALA C 85 10.14 7.17 -27.50
C ALA C 85 8.99 8.10 -27.15
N ARG C 86 8.26 7.81 -26.08
CA ARG C 86 7.16 8.68 -25.67
C ARG C 86 7.69 10.00 -25.10
N LEU C 87 8.85 9.96 -24.43
CA LEU C 87 9.44 11.19 -23.90
C LEU C 87 9.89 12.12 -25.01
N GLY C 88 10.36 11.58 -26.14
CA GLY C 88 10.76 12.43 -27.24
C GLY C 88 9.61 13.21 -27.84
N LYS C 89 8.40 12.66 -27.77
CA LYS C 89 7.23 13.40 -28.25
C LYS C 89 6.79 14.46 -27.27
N ASN C 90 6.94 14.20 -25.97
CA ASN C 90 6.53 15.16 -24.95
C ASN C 90 7.51 16.30 -24.80
N LEU C 91 8.77 16.11 -25.17
CA LEU C 91 9.75 17.19 -25.14
C LEU C 91 9.65 18.11 -26.34
N GLY C 92 8.67 17.90 -27.23
CA GLY C 92 8.32 18.89 -28.23
C GLY C 92 7.50 19.98 -27.57
N GLU C 93 7.83 20.23 -26.32
CA GLU C 93 7.11 21.19 -25.48
C GLU C 93 7.85 22.50 -25.31
N MET C 94 7.11 23.58 -25.10
CA MET C 94 7.77 24.88 -24.94
C MET C 94 8.78 24.91 -23.78
N GLY C 95 9.29 23.76 -23.37
CA GLY C 95 10.25 23.74 -22.28
C GLY C 95 11.66 23.71 -22.82
N GLU C 96 12.58 24.31 -22.08
CA GLU C 96 13.98 24.32 -22.50
C GLU C 96 14.73 23.40 -21.57
N VAL C 97 14.03 22.32 -21.23
CA VAL C 97 14.41 21.22 -20.36
C VAL C 97 15.64 21.22 -19.48
N ASP C 98 15.41 20.67 -18.30
CA ASP C 98 16.39 20.47 -17.30
C ASP C 98 16.73 19.04 -17.56
N MET C 99 17.74 18.80 -18.37
CA MET C 99 18.05 17.43 -18.73
C MET C 99 18.29 16.44 -17.61
N LYS C 100 18.99 16.84 -16.58
CA LYS C 100 19.21 15.96 -15.45
C LYS C 100 17.95 15.41 -14.77
N GLU C 101 16.88 16.18 -14.72
CA GLU C 101 15.65 15.71 -14.09
C GLU C 101 14.90 14.72 -14.97
N HIS C 102 14.93 14.94 -16.29
CA HIS C 102 14.23 14.04 -17.20
C HIS C 102 14.93 12.69 -17.30
N TRP C 103 16.26 12.65 -17.18
CA TRP C 103 16.95 11.38 -17.10
C TRP C 103 16.64 10.67 -15.79
N ASP C 104 16.66 11.41 -14.68
CA ASP C 104 16.25 10.86 -13.39
C ASP C 104 14.81 10.36 -13.43
N ASP C 105 13.93 11.10 -14.11
CA ASP C 105 12.51 10.76 -14.11
C ASP C 105 12.23 9.52 -14.95
N VAL C 106 12.85 9.42 -16.12
CA VAL C 106 12.55 8.30 -17.02
C VAL C 106 13.11 7.00 -16.47
N PHE C 107 14.21 7.05 -15.72
CA PHE C 107 14.76 5.84 -15.11
C PHE C 107 13.99 5.44 -13.87
N THR C 108 13.53 6.42 -13.08
CA THR C 108 12.74 6.10 -11.91
C THR C 108 11.42 5.43 -12.29
N LYS C 109 10.74 5.96 -13.31
CA LYS C 109 9.48 5.36 -13.73
C LYS C 109 9.69 4.01 -14.41
N CYS C 110 10.82 3.84 -15.10
CA CYS C 110 11.11 2.55 -15.74
C CYS C 110 11.38 1.46 -14.69
N PHE C 111 12.19 1.79 -13.68
CA PHE C 111 12.45 0.81 -12.62
C PHE C 111 11.20 0.53 -11.81
N GLN C 112 10.40 1.56 -11.52
CA GLN C 112 9.15 1.37 -10.83
C GLN C 112 8.15 0.56 -11.66
N ARG C 113 8.19 0.72 -12.98
CA ARG C 113 7.29 -0.03 -13.85
C ARG C 113 7.64 -1.52 -13.86
N VAL C 114 8.92 -1.84 -13.98
CA VAL C 114 9.34 -3.24 -13.95
C VAL C 114 9.08 -3.84 -12.57
N ASP C 115 9.25 -3.06 -11.51
CA ASP C 115 8.90 -3.53 -10.18
C ASP C 115 7.41 -3.80 -10.05
N ASP C 116 6.59 -2.92 -10.62
CA ASP C 116 5.14 -3.13 -10.56
C ASP C 116 4.72 -4.35 -11.37
N GLU C 117 5.42 -4.64 -12.47
CA GLU C 117 5.12 -5.85 -13.23
C GLU C 117 5.52 -7.10 -12.46
N VAL C 118 6.67 -7.07 -11.79
CA VAL C 118 7.12 -8.21 -10.99
C VAL C 118 6.11 -8.50 -9.88
N SER C 119 5.62 -7.46 -9.22
CA SER C 119 4.68 -7.60 -8.11
C SER C 119 3.25 -7.85 -8.56
N GLY C 120 2.99 -7.87 -9.86
CA GLY C 120 1.63 -8.06 -10.34
C GLY C 120 0.72 -6.87 -10.15
N ARG C 121 1.28 -5.68 -9.92
CA ARG C 121 0.44 -4.50 -9.67
C ARG C 121 -0.11 -3.88 -10.93
N VAL C 122 0.49 -4.15 -12.10
CA VAL C 122 -0.04 -3.70 -13.38
C VAL C 122 0.01 -4.85 -14.37
N THR C 123 -0.77 -4.71 -15.44
CA THR C 123 -0.76 -5.69 -16.51
C THR C 123 0.29 -5.34 -17.55
N ARG C 124 0.87 -6.36 -18.17
CA ARG C 124 1.94 -6.15 -19.14
C ARG C 124 1.85 -7.20 -20.24
N VAL C 125 2.40 -6.84 -21.41
CA VAL C 125 2.51 -7.74 -22.55
C VAL C 125 3.98 -7.96 -22.83
N VAL C 126 4.40 -9.21 -22.85
CA VAL C 126 5.80 -9.55 -23.10
C VAL C 126 5.93 -10.45 -24.31
N GLY C 130 1.41 -11.69 -27.37
CA GLY C 130 0.02 -11.27 -27.40
C GLY C 130 -0.69 -11.44 -26.08
N GLU C 131 -0.24 -12.40 -25.29
CA GLU C 131 -0.86 -12.70 -24.00
C GLU C 131 -0.60 -11.58 -22.99
N VAL C 132 -1.58 -11.36 -22.13
CA VAL C 132 -1.48 -10.38 -21.05
C VAL C 132 -1.20 -11.13 -19.75
N ARG C 133 -0.38 -10.53 -18.89
CA ARG C 133 -0.08 -11.10 -17.59
C ARG C 133 -0.36 -10.07 -16.50
N SER C 134 -1.00 -10.51 -15.42
CA SER C 134 -1.35 -9.64 -14.31
C SER C 134 -0.93 -10.15 -12.95
N GLU C 135 -0.73 -11.46 -12.79
CA GLU C 135 -0.31 -12.02 -11.51
C GLU C 135 1.20 -11.83 -11.33
N PRO C 136 1.69 -11.87 -10.09
CA PRO C 136 3.12 -11.62 -9.85
C PRO C 136 4.00 -12.57 -10.64
N VAL C 137 5.18 -12.08 -11.01
CA VAL C 137 6.14 -12.90 -11.76
C VAL C 137 6.63 -14.06 -10.89
N THR C 138 6.85 -13.81 -9.61
CA THR C 138 7.40 -14.82 -8.72
C THR C 138 6.94 -14.52 -7.29
N ALA C 139 7.49 -15.26 -6.32
CA ALA C 139 7.06 -15.13 -4.94
C ALA C 139 7.48 -13.77 -4.37
N GLU C 140 6.92 -13.46 -3.21
CA GLU C 140 7.13 -12.15 -2.58
C GLU C 140 8.54 -11.97 -2.02
N ASN C 141 9.32 -13.05 -1.89
CA ASN C 141 10.63 -12.98 -1.25
C ASN C 141 11.78 -13.06 -2.25
N VAL C 142 11.49 -12.90 -3.54
CA VAL C 142 12.50 -12.94 -4.59
C VAL C 142 12.74 -11.53 -5.10
N GLY C 143 14.00 -11.19 -5.33
CA GLY C 143 14.36 -9.88 -5.84
C GLY C 143 15.61 -9.90 -6.69
N SER C 144 16.13 -8.73 -7.03
CA SER C 144 17.34 -8.64 -7.84
C SER C 144 17.86 -7.22 -7.82
N THR C 145 19.18 -7.08 -7.83
CA THR C 145 19.80 -5.79 -8.09
C THR C 145 19.63 -5.42 -9.56
N ALA C 146 19.88 -4.15 -9.87
CA ALA C 146 19.82 -3.69 -11.25
C ALA C 146 20.74 -2.48 -11.40
N VAL C 147 21.85 -2.66 -12.10
CA VAL C 147 22.71 -1.56 -12.52
C VAL C 147 22.71 -1.53 -14.04
N VAL C 148 22.32 -0.40 -14.62
CA VAL C 148 22.14 -0.27 -16.06
C VAL C 148 22.87 0.98 -16.52
N ALA C 149 23.51 0.88 -17.69
CA ALA C 149 24.25 1.98 -18.29
C ALA C 149 23.74 2.21 -19.70
N LEU C 150 23.12 3.36 -19.93
CA LEU C 150 22.77 3.78 -21.28
C LEU C 150 23.97 4.46 -21.90
N VAL C 151 24.49 3.89 -22.98
CA VAL C 151 25.72 4.37 -23.60
C VAL C 151 25.38 4.86 -25.01
N CYS C 152 25.67 6.12 -25.28
CA CYS C 152 25.60 6.69 -26.61
C CYS C 152 26.91 7.43 -26.89
N SER C 153 26.97 8.09 -28.05
CA SER C 153 28.22 8.73 -28.46
C SER C 153 28.57 9.91 -27.58
N SER C 154 27.60 10.54 -26.93
CA SER C 154 27.84 11.75 -26.15
C SER C 154 27.78 11.56 -24.65
N HIS C 155 26.94 10.65 -24.15
CA HIS C 155 26.71 10.55 -22.72
C HIS C 155 26.72 9.08 -22.29
N VAL C 156 26.94 8.88 -21.00
CA VAL C 156 26.79 7.59 -20.33
C VAL C 156 25.88 7.85 -19.13
N VAL C 157 24.66 7.32 -19.19
CA VAL C 157 23.67 7.50 -18.13
C VAL C 157 23.60 6.21 -17.33
N VAL C 158 23.72 6.32 -16.01
CA VAL C 158 23.82 5.17 -15.11
C VAL C 158 22.64 5.21 -14.14
N ALA C 159 21.96 4.08 -14.00
CA ALA C 159 20.92 3.91 -12.99
C ALA C 159 21.25 2.67 -12.18
N ASN C 160 21.37 2.84 -10.86
CA ASN C 160 21.80 1.77 -9.98
C ASN C 160 20.73 1.46 -8.94
N CYS C 161 20.52 0.18 -8.68
CA CYS C 161 19.57 -0.27 -7.66
C CYS C 161 20.13 -1.55 -7.05
N GLY C 162 20.69 -1.45 -5.85
CA GLY C 162 21.24 -2.59 -5.16
C GLY C 162 22.71 -2.44 -4.82
N ASP C 163 23.40 -3.55 -4.60
CA ASP C 163 24.82 -3.53 -4.25
C ASP C 163 25.71 -3.96 -5.42
N SER C 164 25.19 -3.93 -6.64
CA SER C 164 26.04 -4.02 -7.82
C SER C 164 26.65 -2.65 -8.10
N ARG C 165 27.72 -2.64 -8.88
CA ARG C 165 28.48 -1.42 -9.10
C ARG C 165 28.91 -1.30 -10.55
N ILE C 166 28.98 -0.06 -11.02
CA ILE C 166 29.57 0.29 -12.31
C ILE C 166 30.65 1.32 -12.07
N VAL C 167 31.83 1.09 -12.65
CA VAL C 167 32.98 1.97 -12.46
C VAL C 167 33.49 2.41 -13.83
N LEU C 168 33.81 3.70 -13.96
CA LEU C 168 34.34 4.26 -15.19
C LEU C 168 35.83 4.52 -15.03
N CYS C 169 36.60 4.11 -16.03
CA CYS C 169 38.04 4.33 -16.07
C CYS C 169 38.33 5.54 -16.95
N ARG C 170 38.90 6.58 -16.35
CA ARG C 170 39.18 7.83 -17.05
C ARG C 170 40.57 8.31 -16.68
N GLY C 171 41.47 8.35 -17.66
CA GLY C 171 42.84 8.77 -17.43
C GLY C 171 43.72 7.67 -16.84
N GLU C 173 42.78 6.31 -13.87
CA GLU C 173 42.05 6.71 -12.68
C GLU C 173 40.64 6.13 -12.67
N PRO C 174 40.26 5.48 -11.58
CA PRO C 174 38.90 4.95 -11.47
C PRO C 174 37.92 6.04 -11.04
N VAL C 175 36.71 5.97 -11.60
CA VAL C 175 35.61 6.86 -11.21
C VAL C 175 34.38 5.98 -10.98
N ALA C 176 33.92 5.92 -9.74
CA ALA C 176 32.72 5.14 -9.41
C ALA C 176 31.48 5.91 -9.85
N LEU C 177 30.66 5.27 -10.67
CA LEU C 177 29.43 5.89 -11.17
C LEU C 177 28.20 5.50 -10.36
N SER C 178 28.37 4.72 -9.29
CA SER C 178 27.25 4.30 -8.47
C SER C 178 27.76 3.98 -7.07
N ILE C 179 26.95 4.31 -6.07
CA ILE C 179 27.24 4.01 -4.67
C ILE C 179 26.36 2.85 -4.23
N ASP C 180 26.97 1.81 -3.66
CA ASP C 180 26.23 0.63 -3.26
C ASP C 180 25.13 0.99 -2.26
N HIS C 181 23.97 0.35 -2.42
CA HIS C 181 22.82 0.60 -1.56
C HIS C 181 22.86 -0.36 -0.37
N LYS C 182 23.87 -0.15 0.46
CA LYS C 182 23.99 -0.92 1.69
C LYS C 182 23.06 -0.34 2.75
N PRO C 183 22.38 -1.19 3.53
CA PRO C 183 21.41 -0.67 4.50
C PRO C 183 22.03 0.11 5.63
N ASP C 184 23.33 -0.02 5.87
CA ASP C 184 24.00 0.78 6.88
C ASP C 184 24.49 2.12 6.34
N ARG C 185 24.36 2.37 5.04
CA ARG C 185 24.58 3.71 4.53
C ARG C 185 23.66 4.68 5.26
N LYS C 186 24.20 5.85 5.61
CA LYS C 186 23.58 6.65 6.65
C LYS C 186 22.29 7.32 6.19
N ASP C 187 22.17 7.60 4.88
CA ASP C 187 20.89 8.07 4.37
C ASP C 187 19.89 6.94 4.23
N GLU C 188 20.36 5.75 3.83
CA GLU C 188 19.45 4.61 3.69
C GLU C 188 19.00 4.10 5.06
N ARG C 189 19.90 4.11 6.04
CA ARG C 189 19.52 3.74 7.40
C ARG C 189 18.46 4.70 7.95
N ALA C 190 18.70 6.00 7.79
CA ALA C 190 17.73 6.99 8.26
C ALA C 190 16.39 6.83 7.55
N ARG C 191 16.41 6.51 6.26
CA ARG C 191 15.16 6.34 5.52
C ARG C 191 14.41 5.10 6.01
N ILE C 192 15.12 4.00 6.23
CA ILE C 192 14.48 2.77 6.67
C ILE C 192 13.89 2.95 8.06
N GLU C 193 14.67 3.52 8.98
CA GLU C 193 14.18 3.73 10.34
C GLU C 193 13.10 4.80 10.41
N ALA C 194 13.04 5.70 9.43
CA ALA C 194 11.99 6.71 9.41
C ALA C 194 10.62 6.09 9.20
N GLN C 195 10.56 4.93 8.53
CA GLN C 195 9.30 4.25 8.24
C GLN C 195 9.05 3.08 9.18
N GLY C 196 9.70 3.05 10.34
CA GLY C 196 9.49 1.99 11.30
C GLY C 196 10.28 0.72 11.07
N GLY C 197 11.24 0.74 10.14
CA GLY C 197 12.05 -0.43 9.89
C GLY C 197 13.30 -0.48 10.74
N LYS C 198 13.99 -1.62 10.69
CA LYS C 198 15.18 -1.84 11.48
C LYS C 198 16.34 -2.27 10.59
N VAL C 199 17.52 -1.70 10.87
CA VAL C 199 18.76 -2.11 10.25
C VAL C 199 19.58 -2.86 11.30
N ILE C 200 19.81 -4.15 11.07
CA ILE C 200 20.32 -5.05 12.09
C ILE C 200 21.66 -5.63 11.65
N GLN C 201 22.63 -5.59 12.57
CA GLN C 201 23.92 -6.26 12.46
C GLN C 201 23.67 -7.76 12.55
N TRP C 202 23.60 -8.45 11.42
CA TRP C 202 23.27 -9.88 11.41
C TRP C 202 24.02 -10.54 10.24
N ASN C 203 25.26 -10.95 10.51
CA ASN C 203 26.20 -11.33 9.44
C ASN C 203 26.23 -10.23 8.37
N GLY C 204 26.57 -9.04 8.83
CA GLY C 204 26.47 -7.82 8.04
C GLY C 204 25.18 -7.07 8.35
N TYR C 205 25.22 -5.75 8.16
CA TYR C 205 24.04 -4.94 8.40
C TYR C 205 22.99 -5.25 7.33
N ARG C 206 21.75 -5.50 7.78
CA ARG C 206 20.71 -6.00 6.90
C ARG C 206 19.37 -5.35 7.22
N VAL C 207 18.55 -5.16 6.19
CA VAL C 207 17.19 -4.70 6.37
C VAL C 207 16.39 -5.80 7.07
N SER C 208 15.84 -5.46 8.23
CA SER C 208 15.10 -6.41 9.07
C SER C 208 15.96 -7.61 9.49
N GLY C 209 17.29 -7.46 9.42
CA GLY C 209 18.18 -8.58 9.65
C GLY C 209 18.25 -9.58 8.52
N TRP C 210 17.65 -9.26 7.37
CA TRP C 210 17.47 -10.21 6.27
C TRP C 210 18.29 -9.78 5.05
N LEU C 211 17.90 -8.70 4.39
CA LEU C 211 18.47 -8.36 3.09
C LEU C 211 19.69 -7.45 3.25
N ALA C 212 20.79 -7.81 2.61
CA ALA C 212 22.04 -7.06 2.70
C ALA C 212 22.05 -5.82 1.80
N MET C 213 20.92 -5.43 1.24
CA MET C 213 20.82 -4.19 0.49
C MET C 213 19.50 -3.52 0.81
N SER C 214 19.46 -2.20 0.59
CA SER C 214 18.30 -1.39 0.93
C SER C 214 17.43 -1.04 -0.26
N ARG C 215 17.89 -1.32 -1.48
CA ARG C 215 17.12 -1.06 -2.69
C ARG C 215 17.29 -2.23 -3.65
N SER C 216 16.20 -2.61 -4.31
CA SER C 216 16.22 -3.73 -5.24
C SER C 216 14.89 -3.76 -5.99
N ILE C 217 14.89 -4.50 -7.10
CA ILE C 217 13.67 -4.78 -7.85
C ILE C 217 13.02 -6.01 -7.24
N GLY C 218 11.71 -5.94 -7.01
CA GLY C 218 11.01 -7.04 -6.39
C GLY C 218 11.01 -6.96 -4.88
N ASP C 219 11.10 -8.11 -4.22
CA ASP C 219 11.16 -8.20 -2.76
C ASP C 219 10.00 -7.44 -2.12
N ARG C 220 8.79 -7.72 -2.59
CA ARG C 220 7.64 -6.95 -2.15
C ARG C 220 7.27 -7.22 -0.68
N TYR C 221 7.79 -8.31 -0.10
CA TYR C 221 7.54 -8.54 1.33
C TYR C 221 8.27 -7.50 2.17
N LEU C 222 9.49 -7.12 1.77
CA LEU C 222 10.29 -6.17 2.53
C LEU C 222 9.94 -4.72 2.24
N LYS C 223 8.86 -4.47 1.51
CA LYS C 223 8.39 -3.10 1.31
C LYS C 223 7.67 -2.61 2.55
N PRO C 224 7.68 -1.29 2.83
CA PRO C 224 8.28 -0.23 2.01
C PRO C 224 9.72 0.08 2.39
N PHE C 225 10.40 -0.85 3.05
CA PHE C 225 11.78 -0.61 3.45
C PHE C 225 12.73 -0.75 2.26
N VAL C 226 12.51 -1.76 1.42
CA VAL C 226 13.28 -1.96 0.19
C VAL C 226 12.47 -1.36 -0.96
N ILE C 227 13.05 -0.37 -1.64
CA ILE C 227 12.35 0.36 -2.69
C ILE C 227 13.10 0.17 -4.01
N PRO C 228 12.41 0.27 -5.15
CA PRO C 228 13.09 0.12 -6.44
C PRO C 228 13.55 1.44 -7.03
N LYS C 229 13.73 2.46 -6.20
CA LYS C 229 14.14 3.77 -6.69
C LYS C 229 15.61 3.76 -7.04
N PRO C 230 15.99 4.00 -8.30
CA PRO C 230 17.41 4.01 -8.67
C PRO C 230 18.06 5.36 -8.42
N GLU C 231 19.39 5.33 -8.35
CA GLU C 231 20.19 6.54 -8.27
C GLU C 231 20.81 6.76 -9.65
N VAL C 232 20.45 7.88 -10.27
CA VAL C 232 20.80 8.16 -11.66
C VAL C 232 21.91 9.18 -11.71
N MET C 233 22.85 8.99 -12.64
CA MET C 233 23.95 9.90 -12.84
C MET C 233 24.23 10.02 -14.34
N VAL C 234 24.24 11.25 -14.84
CA VAL C 234 24.52 11.53 -16.24
C VAL C 234 25.99 11.91 -16.36
N VAL C 235 26.71 11.17 -17.20
CA VAL C 235 28.15 11.37 -17.35
C VAL C 235 28.47 11.68 -18.81
N PRO C 236 28.81 12.93 -19.13
CA PRO C 236 29.25 13.23 -20.50
C PRO C 236 30.59 12.57 -20.79
N ARG C 237 30.74 12.08 -22.02
CA ARG C 237 31.95 11.38 -22.39
C ARG C 237 33.07 12.37 -22.69
N ALA C 238 34.31 11.88 -22.56
CA ALA C 238 35.49 12.70 -22.78
C ALA C 238 36.56 11.86 -23.47
N LYS C 239 37.57 12.56 -24.00
CA LYS C 239 38.68 11.88 -24.66
C LYS C 239 39.41 10.93 -23.72
N ASP C 240 39.54 11.32 -22.45
CA ASP C 240 40.22 10.51 -21.44
C ASP C 240 39.51 9.21 -21.11
N ASP C 241 38.28 9.01 -21.59
CA ASP C 241 37.53 7.80 -21.25
C ASP C 241 38.23 6.55 -21.77
N ASP C 242 38.44 5.58 -20.87
CA ASP C 242 39.09 4.32 -21.21
C ASP C 242 38.10 3.19 -21.42
N CYS C 243 37.33 2.84 -20.38
CA CYS C 243 36.39 1.74 -20.47
C CYS C 243 35.38 1.84 -19.34
N LEU C 244 34.30 1.07 -19.48
CA LEU C 244 33.24 0.97 -18.48
C LEU C 244 33.18 -0.46 -17.95
N ILE C 245 33.01 -0.60 -16.64
CA ILE C 245 32.97 -1.90 -15.98
C ILE C 245 31.67 -2.00 -15.19
N LEU C 246 30.76 -2.86 -15.63
CA LEU C 246 29.55 -3.21 -14.90
C LEU C 246 29.71 -4.62 -14.34
N ALA C 247 29.46 -4.78 -13.05
CA ALA C 247 29.66 -6.09 -12.43
C ALA C 247 28.84 -6.19 -11.14
N SER C 248 28.47 -7.43 -10.81
CA SER C 248 27.82 -7.73 -9.56
C SER C 248 28.85 -7.80 -8.43
N ASP C 249 28.36 -7.92 -7.20
CA ASP C 249 29.26 -7.96 -6.05
C ASP C 249 30.17 -9.17 -6.03
N GLY C 250 29.91 -10.17 -6.87
CA GLY C 250 30.82 -11.31 -6.98
C GLY C 250 32.22 -10.90 -7.38
N LEU C 251 32.35 -9.78 -8.09
CA LEU C 251 33.65 -9.24 -8.46
C LEU C 251 34.13 -8.19 -7.45
N TRP C 252 33.27 -7.24 -7.10
CA TRP C 252 33.67 -6.12 -6.26
C TRP C 252 33.92 -6.53 -4.81
N ASP C 253 33.56 -7.75 -4.42
CA ASP C 253 33.84 -8.21 -3.06
C ASP C 253 35.29 -8.62 -2.86
N VAL C 254 36.03 -8.89 -3.94
CA VAL C 254 37.41 -9.34 -3.83
C VAL C 254 38.32 -8.44 -4.65
N VAL C 255 37.74 -7.63 -5.53
CA VAL C 255 38.49 -6.75 -6.41
C VAL C 255 38.06 -5.32 -6.17
N SER C 256 39.03 -4.44 -5.92
CA SER C 256 38.76 -3.03 -5.72
C SER C 256 38.54 -2.33 -7.06
N ASN C 257 38.13 -1.07 -6.98
CA ASN C 257 37.91 -0.28 -8.19
C ASN C 257 39.22 -0.07 -8.95
N GLU C 258 40.31 0.20 -8.22
CA GLU C 258 41.59 0.45 -8.88
C GLU C 258 42.14 -0.82 -9.52
N GLU C 259 42.02 -1.95 -8.83
CA GLU C 259 42.51 -3.22 -9.39
C GLU C 259 41.70 -3.63 -10.62
N ALA C 260 40.38 -3.37 -10.60
CA ALA C 260 39.55 -3.75 -11.74
C ALA C 260 39.82 -2.86 -12.94
N CYS C 261 40.07 -1.57 -12.72
CA CYS C 261 40.30 -0.66 -13.83
C CYS C 261 41.68 -0.88 -14.46
N LYS C 262 42.69 -1.15 -13.64
CA LYS C 262 44.03 -1.35 -14.17
C LYS C 262 44.11 -2.58 -15.06
N VAL C 263 43.45 -3.66 -14.68
CA VAL C 263 43.46 -4.86 -15.52
C VAL C 263 42.53 -4.70 -16.72
N ALA C 264 41.49 -3.86 -16.59
CA ALA C 264 40.56 -3.67 -17.71
C ALA C 264 41.23 -2.94 -18.85
N ARG C 265 42.14 -2.01 -18.55
CA ARG C 265 42.75 -1.20 -19.59
C ARG C 265 43.92 -1.94 -20.23
N ARG C 266 44.73 -2.62 -19.43
CA ARG C 266 45.93 -3.28 -19.96
C ARG C 266 45.56 -4.48 -20.82
N GLN C 267 44.41 -5.10 -20.56
CA GLN C 267 43.93 -6.19 -21.42
C GLN C 267 43.35 -5.65 -22.72
N ILE C 268 42.75 -4.46 -22.70
CA ILE C 268 42.16 -3.91 -23.90
C ILE C 268 43.24 -3.39 -24.86
N LEU C 269 44.17 -2.58 -24.34
CA LEU C 269 45.30 -2.13 -25.15
C LEU C 269 46.03 -3.30 -25.78
N LEU C 270 46.26 -4.36 -25.02
CA LEU C 270 46.87 -5.57 -25.54
C LEU C 270 45.82 -6.41 -26.26
N SER C 288 27.11 -9.47 -31.19
CA SER C 288 28.35 -10.20 -30.95
C SER C 288 29.35 -9.36 -30.16
N THR C 289 30.10 -9.99 -29.29
CA THR C 289 31.05 -9.29 -28.43
C THR C 289 32.35 -9.01 -29.18
N ASP C 290 33.10 -8.04 -28.67
CA ASP C 290 34.41 -7.64 -29.18
C ASP C 290 35.51 -8.41 -28.45
N PRO C 291 36.48 -8.94 -29.20
CA PRO C 291 37.51 -9.79 -28.56
C PRO C 291 38.33 -9.08 -27.49
N ALA C 292 38.58 -7.78 -27.62
CA ALA C 292 39.37 -7.08 -26.63
C ALA C 292 38.61 -6.92 -25.32
N ALA C 293 37.40 -6.37 -25.39
CA ALA C 293 36.59 -6.22 -24.18
C ALA C 293 36.20 -7.57 -23.59
N GLN C 294 35.96 -8.57 -24.45
CA GLN C 294 35.67 -9.91 -23.95
C GLN C 294 36.85 -10.47 -23.17
N ALA C 295 38.07 -10.21 -23.63
CA ALA C 295 39.26 -10.66 -22.91
C ALA C 295 39.39 -9.94 -21.57
N ALA C 296 39.00 -8.67 -21.52
CA ALA C 296 39.03 -7.95 -20.24
C ALA C 296 37.96 -8.47 -19.29
N ALA C 297 36.76 -8.75 -19.81
CA ALA C 297 35.69 -9.28 -18.97
C ALA C 297 36.02 -10.69 -18.48
N ASP C 298 36.52 -11.55 -19.38
CA ASP C 298 36.89 -12.90 -18.99
C ASP C 298 38.06 -12.89 -18.01
N TYR C 299 38.98 -11.94 -18.15
CA TYR C 299 40.11 -11.88 -17.23
C TYR C 299 39.67 -11.37 -15.85
N LEU C 300 38.78 -10.39 -15.85
CA LEU C 300 38.27 -9.82 -14.60
C LEU C 300 37.41 -10.84 -13.87
N MET C 301 36.67 -11.64 -14.63
CA MET C 301 35.80 -12.65 -14.07
C MET C 301 36.63 -13.77 -13.43
N ARG C 302 37.55 -14.33 -14.20
CA ARG C 302 38.42 -15.39 -13.71
C ARG C 302 39.22 -14.92 -12.51
N LEU C 303 39.69 -13.67 -12.58
CA LEU C 303 40.48 -13.10 -11.50
C LEU C 303 39.70 -13.10 -10.19
N ALA C 304 38.39 -12.85 -10.26
CA ALA C 304 37.57 -12.91 -9.05
C ALA C 304 37.52 -14.32 -8.50
N LEU C 305 37.64 -15.33 -9.37
CA LEU C 305 37.66 -16.72 -8.91
C LEU C 305 38.99 -17.11 -8.30
N LYS C 306 40.07 -16.37 -8.61
CA LYS C 306 41.36 -16.62 -8.00
C LYS C 306 41.50 -15.93 -6.65
N LYS C 307 40.75 -14.86 -6.41
CA LYS C 307 40.89 -14.07 -5.19
C LYS C 307 39.97 -14.54 -4.07
N GLY C 308 39.40 -15.74 -4.19
CA GLY C 308 38.59 -16.27 -3.11
C GLY C 308 37.15 -15.80 -3.08
N SER C 309 36.48 -15.77 -4.23
CA SER C 309 35.08 -15.37 -4.32
C SER C 309 34.26 -16.58 -4.78
N GLU C 310 33.30 -16.99 -3.94
CA GLU C 310 32.45 -18.13 -4.24
C GLU C 310 31.03 -17.72 -4.60
N ASP C 311 30.82 -16.45 -4.96
CA ASP C 311 29.54 -15.97 -5.42
C ASP C 311 29.46 -16.02 -6.93
N ASN C 312 28.25 -15.88 -7.46
CA ASN C 312 28.09 -15.67 -8.90
C ASN C 312 28.85 -14.42 -9.31
N ILE C 313 29.52 -14.49 -10.45
CA ILE C 313 30.27 -13.36 -10.97
C ILE C 313 29.81 -13.06 -12.38
N THR C 314 29.48 -11.80 -12.64
CA THR C 314 29.07 -11.33 -13.95
C THR C 314 29.76 -10.00 -14.20
N VAL C 315 30.53 -9.91 -15.28
CA VAL C 315 31.30 -8.71 -15.59
C VAL C 315 30.99 -8.29 -17.02
N ILE C 316 30.64 -7.03 -17.20
CA ILE C 316 30.47 -6.42 -18.50
C ILE C 316 31.51 -5.33 -18.64
N VAL C 317 32.34 -5.43 -19.67
CA VAL C 317 33.36 -4.43 -19.97
C VAL C 317 32.96 -3.74 -21.26
N VAL C 318 32.71 -2.45 -21.19
CA VAL C 318 32.31 -1.64 -22.35
C VAL C 318 33.48 -0.74 -22.71
N ASP C 319 33.95 -0.87 -23.94
CA ASP C 319 35.07 -0.04 -24.41
C ASP C 319 34.54 1.31 -24.85
N LEU C 320 35.16 2.38 -24.33
CA LEU C 320 34.70 3.73 -24.60
C LEU C 320 35.55 4.46 -25.62
N LYS C 321 36.66 3.85 -26.05
CA LYS C 321 37.52 4.28 -27.16
C LYS C 321 37.49 5.77 -27.53
N VAL D 5 -1.79 -19.00 22.95
CA VAL D 5 -0.53 -18.48 23.43
C VAL D 5 -0.28 -18.91 24.87
N ARG D 6 -1.26 -19.59 25.47
CA ARG D 6 -1.20 -19.92 26.89
C ARG D 6 -1.18 -21.42 27.16
N ARG D 7 -2.11 -22.16 26.56
CA ARG D 7 -2.34 -23.56 26.92
C ARG D 7 -1.36 -24.51 26.24
N PHE D 8 -0.85 -24.17 25.06
CA PHE D 8 0.26 -24.93 24.48
C PHE D 8 1.56 -24.13 24.43
N HIS D 9 1.50 -22.83 24.13
CA HIS D 9 2.71 -22.03 23.93
C HIS D 9 3.18 -21.42 25.26
N ARG D 10 3.56 -22.32 26.16
CA ARG D 10 4.06 -21.96 27.49
C ARG D 10 5.59 -21.91 27.44
N HIS D 11 6.08 -20.82 26.86
CA HIS D 11 7.52 -20.59 26.74
C HIS D 11 8.03 -19.80 27.93
N GLU D 12 9.24 -20.13 28.38
CA GLU D 12 9.90 -19.39 29.45
C GLU D 12 11.37 -19.27 29.09
N PRO D 13 11.79 -18.12 28.54
CA PRO D 13 13.18 -17.97 28.11
C PRO D 13 14.07 -17.53 29.26
N ARG D 14 15.29 -18.06 29.28
CA ARG D 14 16.27 -17.63 30.27
C ARG D 14 16.73 -16.21 29.96
N ASP D 15 17.68 -15.71 30.77
CA ASP D 15 18.12 -14.33 30.63
C ASP D 15 18.81 -14.09 29.29
N HIS D 16 19.51 -15.09 28.78
CA HIS D 16 20.22 -14.98 27.51
C HIS D 16 19.36 -15.35 26.30
N GLN D 17 18.05 -15.47 26.49
CA GLN D 17 17.16 -15.87 25.40
C GLN D 17 16.04 -14.84 25.22
N CYS D 18 15.29 -15.02 24.14
CA CYS D 18 14.10 -14.22 23.86
C CYS D 18 13.02 -15.13 23.31
N SER D 19 11.80 -14.62 23.27
CA SER D 19 10.67 -15.44 22.83
C SER D 19 9.56 -14.53 22.32
N SER D 20 8.84 -15.03 21.31
CA SER D 20 7.71 -14.32 20.73
C SER D 20 6.83 -15.33 20.01
N ALA D 21 5.80 -14.83 19.32
CA ALA D 21 4.87 -15.70 18.62
C ALA D 21 4.17 -14.91 17.52
N VAL D 22 3.72 -15.64 16.50
CA VAL D 22 2.94 -15.07 15.41
C VAL D 22 1.75 -15.98 15.13
N ALA D 23 0.71 -15.39 14.53
CA ALA D 23 -0.52 -16.11 14.23
C ALA D 23 -0.98 -15.78 12.82
N LYS D 24 -1.87 -16.62 12.29
CA LYS D 24 -2.37 -16.45 10.93
C LYS D 24 -3.66 -17.22 10.76
N HIS D 25 -4.67 -16.56 10.19
CA HIS D 25 -5.94 -17.20 9.86
C HIS D 25 -5.89 -17.74 8.43
N ILE D 26 -6.23 -19.01 8.26
CA ILE D 26 -6.19 -19.69 6.97
C ILE D 26 -7.60 -20.12 6.60
N LYS D 27 -8.01 -19.81 5.36
CA LYS D 27 -9.33 -20.21 4.87
C LYS D 27 -9.22 -21.62 4.27
N ALA D 28 -9.04 -22.59 5.16
CA ALA D 28 -8.86 -23.98 4.78
C ALA D 28 -9.18 -24.86 5.97
N PRO D 29 -9.64 -26.09 5.77
CA PRO D 29 -9.91 -26.98 6.90
C PRO D 29 -8.64 -27.33 7.64
N VAL D 30 -8.82 -27.70 8.91
CA VAL D 30 -7.68 -28.04 9.76
C VAL D 30 -6.94 -29.26 9.21
N HIS D 31 -7.69 -30.27 8.77
CA HIS D 31 -7.06 -31.48 8.25
C HIS D 31 -6.20 -31.18 7.02
N LEU D 32 -6.55 -30.14 6.26
CA LEU D 32 -5.76 -29.77 5.11
C LEU D 32 -4.50 -29.01 5.51
N VAL D 33 -4.63 -28.05 6.44
CA VAL D 33 -3.46 -27.32 6.92
C VAL D 33 -2.52 -28.26 7.67
N TRP D 34 -3.08 -29.16 8.49
CA TRP D 34 -2.25 -30.10 9.22
C TRP D 34 -1.55 -31.09 8.30
N SER D 35 -2.20 -31.47 7.20
CA SER D 35 -1.60 -32.42 6.27
C SER D 35 -0.33 -31.86 5.62
N LEU D 36 -0.18 -30.54 5.60
CA LEU D 36 1.02 -29.90 5.09
C LEU D 36 2.06 -29.70 6.17
N VAL D 37 1.65 -29.25 7.36
CA VAL D 37 2.58 -28.98 8.44
C VAL D 37 3.24 -30.26 8.93
N ARG D 38 2.46 -31.33 8.99
CA ARG D 38 2.97 -32.62 9.44
C ARG D 38 4.14 -33.08 8.58
N ARG D 39 4.25 -32.53 7.38
CA ARG D 39 5.33 -32.89 6.47
C ARG D 39 6.66 -32.32 6.94
N PHE D 40 7.34 -33.06 7.81
CA PHE D 40 8.63 -32.63 8.33
C PHE D 40 9.76 -33.00 7.38
N ASP D 41 9.49 -33.92 6.47
CA ASP D 41 10.49 -34.35 5.49
C ASP D 41 10.38 -33.56 4.20
N GLN D 42 9.43 -32.64 4.16
CA GLN D 42 9.23 -31.80 2.97
C GLN D 42 8.70 -30.43 3.39
N PRO D 43 9.54 -29.61 4.04
CA PRO D 43 9.11 -28.25 4.39
C PRO D 43 9.01 -27.31 3.19
N GLN D 44 9.71 -27.61 2.08
CA GLN D 44 9.67 -26.74 0.91
C GLN D 44 8.30 -26.65 0.22
N LEU D 45 7.32 -27.49 0.62
CA LEU D 45 5.94 -27.39 0.12
C LEU D 45 5.31 -26.04 0.44
N PHE D 46 5.65 -25.48 1.59
CA PHE D 46 5.04 -24.22 2.00
C PHE D 46 6.03 -23.21 2.55
N LYS D 47 7.24 -23.62 2.88
CA LYS D 47 8.22 -22.68 3.39
C LYS D 47 8.90 -22.00 2.20
N PRO D 48 8.79 -20.67 2.07
CA PRO D 48 9.31 -20.00 0.87
C PRO D 48 10.83 -19.88 0.84
N PHE D 49 11.50 -20.05 1.97
CA PHE D 49 12.96 -19.88 2.01
C PHE D 49 13.71 -21.17 1.76
N VAL D 50 13.05 -22.32 1.85
CA VAL D 50 13.69 -23.61 1.70
C VAL D 50 13.79 -23.96 0.22
N SER D 51 15.01 -24.25 -0.24
CA SER D 51 15.21 -24.72 -1.60
C SER D 51 15.28 -26.24 -1.68
N ARG D 52 16.06 -26.86 -0.79
CA ARG D 52 16.23 -28.30 -0.76
C ARG D 52 16.22 -28.78 0.68
N CYS D 53 15.68 -29.98 0.90
CA CYS D 53 15.67 -30.60 2.21
C CYS D 53 15.95 -32.10 2.07
N GLU D 54 16.88 -32.60 2.88
CA GLU D 54 17.24 -34.00 2.88
C GLU D 54 16.96 -34.59 4.26
N MET D 55 16.25 -35.71 4.30
CA MET D 55 15.97 -36.40 5.56
C MET D 55 15.83 -37.89 5.27
N LYS D 56 16.63 -38.70 5.97
CA LYS D 56 16.64 -40.14 5.75
C LYS D 56 15.70 -40.83 6.72
N GLY D 57 15.06 -41.89 6.24
CA GLY D 57 14.26 -42.76 7.09
C GLY D 57 12.84 -42.27 7.30
N ASN D 58 12.18 -42.91 8.27
CA ASN D 58 10.80 -42.61 8.59
C ASN D 58 10.71 -41.41 9.53
N ILE D 59 9.63 -40.64 9.37
CA ILE D 59 9.39 -39.49 10.23
C ILE D 59 9.01 -39.99 11.61
N GLU D 60 9.78 -39.60 12.62
CA GLU D 60 9.50 -39.97 14.01
C GLU D 60 10.16 -38.96 14.93
N ILE D 61 9.85 -39.08 16.22
CA ILE D 61 10.50 -38.23 17.21
C ILE D 61 11.99 -38.47 17.20
N GLY D 62 12.77 -37.40 17.05
CA GLY D 62 14.20 -37.50 16.93
C GLY D 62 14.72 -37.46 15.52
N SER D 63 13.85 -37.54 14.52
CA SER D 63 14.29 -37.45 13.13
C SER D 63 14.95 -36.11 12.86
N VAL D 64 16.00 -36.12 12.05
CA VAL D 64 16.80 -34.95 11.75
C VAL D 64 16.73 -34.68 10.26
N ARG D 65 16.46 -33.44 9.89
CA ARG D 65 16.45 -33.01 8.50
C ARG D 65 17.50 -31.92 8.29
N GLU D 66 18.03 -31.87 7.08
CA GLU D 66 19.01 -30.86 6.69
C GLU D 66 18.39 -29.97 5.61
N VAL D 67 18.33 -28.68 5.88
CA VAL D 67 17.65 -27.71 5.03
C VAL D 67 18.69 -26.80 4.39
N ASN D 68 18.54 -26.57 3.09
CA ASN D 68 19.30 -25.55 2.37
C ASN D 68 18.34 -24.42 2.01
N VAL D 69 18.69 -23.20 2.40
CA VAL D 69 17.82 -22.05 2.17
C VAL D 69 18.35 -21.25 0.99
N LYS D 70 17.47 -20.46 0.39
CA LYS D 70 17.81 -19.70 -0.81
C LYS D 70 18.73 -18.53 -0.45
N SER D 71 19.31 -17.95 -1.49
CA SER D 71 20.26 -16.85 -1.32
C SER D 71 19.55 -15.59 -0.82
N GLY D 72 20.35 -14.60 -0.44
CA GLY D 72 19.85 -13.35 0.09
C GLY D 72 19.62 -13.32 1.58
N LEU D 73 19.77 -14.46 2.26
CA LEU D 73 19.52 -14.60 3.69
C LEU D 73 20.83 -14.63 4.46
N PRO D 74 20.81 -14.37 5.76
CA PRO D 74 22.06 -14.41 6.54
C PRO D 74 22.70 -15.79 6.62
N ALA D 75 21.95 -16.86 6.34
CA ALA D 75 22.48 -18.21 6.42
C ALA D 75 22.18 -18.96 5.14
N THR D 76 22.80 -20.14 5.01
CA THR D 76 22.62 -21.00 3.84
C THR D 76 22.12 -22.40 4.18
N ARG D 77 22.24 -22.84 5.42
CA ARG D 77 21.85 -24.19 5.78
C ARG D 77 21.43 -24.23 7.25
N SER D 78 20.65 -25.25 7.60
CA SER D 78 20.22 -25.45 8.97
C SER D 78 19.91 -26.93 9.18
N THR D 79 20.24 -27.43 10.38
CA THR D 79 19.95 -28.79 10.78
C THR D 79 18.93 -28.76 11.91
N GLU D 80 17.83 -29.49 11.74
CA GLU D 80 16.68 -29.38 12.63
C GLU D 80 16.21 -30.76 13.05
N ARG D 81 15.80 -30.87 14.31
CA ARG D 81 15.35 -32.13 14.89
C ARG D 81 13.87 -32.05 15.24
N LEU D 82 13.13 -33.12 14.91
CA LEU D 82 11.72 -33.22 15.26
C LEU D 82 11.59 -33.62 16.73
N GLU D 83 10.99 -32.74 17.54
CA GLU D 83 10.86 -33.00 18.97
C GLU D 83 9.46 -33.42 19.40
N LEU D 84 8.43 -33.09 18.62
CA LEU D 84 7.07 -33.41 18.99
C LEU D 84 6.17 -33.37 17.76
N LEU D 85 5.33 -34.38 17.62
CA LEU D 85 4.37 -34.43 16.52
C LEU D 85 3.12 -35.15 17.05
N ASP D 86 2.08 -34.38 17.32
CA ASP D 86 0.82 -34.90 17.85
C ASP D 86 -0.23 -34.80 16.74
N ASP D 87 -0.62 -35.94 16.17
CA ASP D 87 -1.61 -35.96 15.11
C ASP D 87 -3.03 -35.87 15.62
N ASN D 88 -3.22 -35.76 16.93
CA ASN D 88 -4.55 -35.61 17.53
C ASN D 88 -4.79 -34.22 18.10
N GLU D 89 -3.81 -33.63 18.77
CA GLU D 89 -3.89 -32.26 19.25
C GLU D 89 -3.34 -31.25 18.25
N HIS D 90 -2.76 -31.72 17.15
CA HIS D 90 -2.22 -30.87 16.09
C HIS D 90 -1.13 -29.95 16.63
N ILE D 91 -0.10 -30.56 17.20
CA ILE D 91 1.04 -29.86 17.76
C ILE D 91 2.29 -30.34 17.05
N LEU D 92 3.15 -29.39 16.66
CA LEU D 92 4.44 -29.72 16.07
C LEU D 92 5.52 -28.87 16.72
N SER D 93 6.60 -29.50 17.15
CA SER D 93 7.72 -28.82 17.80
C SER D 93 9.02 -29.23 17.11
N VAL D 94 9.86 -28.23 16.81
CA VAL D 94 11.10 -28.44 16.07
C VAL D 94 12.20 -27.66 16.78
N ARG D 95 13.40 -28.25 16.85
CA ARG D 95 14.56 -27.63 17.46
C ARG D 95 15.71 -27.60 16.46
N PHE D 96 16.40 -26.47 16.41
CA PHE D 96 17.55 -26.30 15.53
C PHE D 96 18.79 -26.84 16.23
N VAL D 97 19.46 -27.80 15.60
CA VAL D 97 20.66 -28.41 16.18
C VAL D 97 21.93 -27.98 15.45
N GLY D 98 21.84 -27.48 14.23
CA GLY D 98 23.03 -27.07 13.52
C GLY D 98 22.70 -26.15 12.35
N GLY D 99 23.74 -25.80 11.60
CA GLY D 99 23.68 -24.91 10.47
C GLY D 99 24.74 -23.84 10.56
N ASP D 100 24.64 -22.85 9.68
CA ASP D 100 25.54 -21.71 9.71
C ASP D 100 24.82 -20.42 10.08
N HIS D 101 23.68 -20.53 10.76
CA HIS D 101 22.90 -19.37 11.16
C HIS D 101 23.30 -18.91 12.55
N ARG D 102 22.64 -17.86 13.04
CA ARG D 102 22.89 -17.30 14.35
C ARG D 102 21.71 -17.52 15.30
N LEU D 103 20.92 -18.56 15.04
CA LEU D 103 19.77 -18.92 15.87
C LEU D 103 20.14 -20.19 16.63
N LYS D 104 20.90 -20.02 17.72
CA LYS D 104 21.35 -21.16 18.50
C LYS D 104 20.29 -21.58 19.51
N ASN D 105 20.10 -22.89 19.64
CA ASN D 105 19.10 -23.47 20.54
C ASN D 105 17.70 -22.98 20.23
N TYR D 106 17.43 -22.69 18.96
CA TYR D 106 16.10 -22.30 18.54
C TYR D 106 15.14 -23.46 18.70
N SER D 107 14.01 -23.20 19.35
CA SER D 107 12.96 -24.19 19.54
C SER D 107 11.63 -23.53 19.24
N SER D 108 10.79 -24.20 18.44
CA SER D 108 9.53 -23.63 17.99
C SER D 108 8.40 -24.62 18.24
N ILE D 109 7.21 -24.08 18.45
CA ILE D 109 5.99 -24.87 18.61
C ILE D 109 4.92 -24.30 17.69
N LEU D 110 4.34 -25.17 16.86
CA LEU D 110 3.29 -24.77 15.92
C LEU D 110 2.03 -25.58 16.21
N THR D 111 0.91 -24.88 16.34
CA THR D 111 -0.38 -25.51 16.56
C THR D 111 -1.41 -24.96 15.58
N VAL D 112 -2.37 -25.81 15.22
CA VAL D 112 -3.46 -25.43 14.32
C VAL D 112 -4.77 -25.74 15.03
N HIS D 113 -5.74 -24.83 14.88
CA HIS D 113 -7.01 -24.91 15.59
C HIS D 113 -8.17 -24.65 14.63
N PRO D 114 -9.32 -25.28 14.87
CA PRO D 114 -10.47 -25.04 14.00
C PRO D 114 -11.07 -23.67 14.24
N GLU D 115 -11.70 -23.13 13.21
CA GLU D 115 -12.29 -21.80 13.29
C GLU D 115 -13.25 -21.61 12.13
N VAL D 116 -14.10 -20.61 12.26
CA VAL D 116 -15.05 -20.21 11.22
C VAL D 116 -14.55 -18.91 10.64
N ILE D 117 -14.27 -18.90 9.33
CA ILE D 117 -13.79 -17.72 8.63
C ILE D 117 -14.75 -17.46 7.48
N ASP D 118 -15.45 -16.32 7.54
CA ASP D 118 -16.42 -15.93 6.51
C ASP D 118 -17.50 -16.99 6.33
N GLY D 119 -17.98 -17.54 7.45
CA GLY D 119 -19.05 -18.50 7.42
C GLY D 119 -18.68 -19.88 6.92
N ARG D 120 -17.40 -20.17 6.77
CA ARG D 120 -16.91 -21.46 6.29
C ARG D 120 -15.81 -21.96 7.21
N PRO D 121 -15.52 -23.26 7.17
CA PRO D 121 -14.46 -23.79 8.04
C PRO D 121 -13.10 -23.19 7.72
N GLY D 122 -12.43 -22.73 8.78
CA GLY D 122 -11.12 -22.11 8.65
C GLY D 122 -10.15 -22.71 9.65
N THR D 123 -8.94 -22.15 9.65
CA THR D 123 -7.86 -22.65 10.50
C THR D 123 -7.07 -21.48 11.05
N LEU D 124 -6.76 -21.54 12.34
CA LEU D 124 -5.88 -20.57 13.00
C LEU D 124 -4.58 -21.27 13.36
N VAL D 125 -3.47 -20.73 12.88
CA VAL D 125 -2.14 -21.28 13.14
C VAL D 125 -1.40 -20.33 14.06
N ILE D 126 -0.82 -20.88 15.13
CA ILE D 126 0.00 -20.12 16.06
C ILE D 126 1.37 -20.79 16.11
N GLU D 127 2.42 -19.98 15.99
CA GLU D 127 3.79 -20.47 16.04
C GLU D 127 4.59 -19.57 16.98
N SER D 128 5.14 -20.17 18.03
CA SER D 128 5.97 -19.46 18.99
C SER D 128 7.36 -20.07 18.99
N PHE D 129 8.33 -19.34 19.54
CA PHE D 129 9.71 -19.77 19.50
C PHE D 129 10.45 -19.29 20.73
N VAL D 130 11.55 -19.99 21.04
CA VAL D 130 12.54 -19.56 22.00
C VAL D 130 13.91 -19.75 21.34
N VAL D 131 14.79 -18.77 21.50
CA VAL D 131 16.10 -18.80 20.85
C VAL D 131 17.08 -17.96 21.67
N ASP D 132 18.35 -18.35 21.60
CA ASP D 132 19.41 -17.55 22.21
C ASP D 132 19.58 -16.24 21.46
N VAL D 133 19.90 -15.19 22.20
CA VAL D 133 20.24 -13.90 21.60
C VAL D 133 21.70 -13.97 21.19
N PRO D 134 22.01 -13.87 19.90
CA PRO D 134 23.41 -13.90 19.46
C PRO D 134 24.06 -12.62 19.93
N GLU D 135 25.38 -12.60 19.89
CA GLU D 135 26.13 -11.42 20.27
C GLU D 135 25.84 -10.28 19.29
N GLY D 136 26.28 -9.08 19.65
CA GLY D 136 26.10 -7.91 18.86
C GLY D 136 24.67 -7.50 18.76
N ASN D 137 23.73 -8.28 19.31
CA ASN D 137 22.31 -8.02 19.13
C ASN D 137 21.54 -7.97 20.43
N THR D 138 20.33 -7.43 20.33
CA THR D 138 19.38 -7.29 21.44
C THR D 138 18.23 -8.28 21.29
N LYS D 139 17.40 -8.34 22.34
CA LYS D 139 16.23 -9.21 22.32
C LYS D 139 15.18 -8.74 21.31
N ASP D 140 15.08 -7.43 21.08
CA ASP D 140 14.07 -6.93 20.15
C ASP D 140 14.53 -7.04 18.71
N GLU D 141 15.83 -7.00 18.46
CA GLU D 141 16.34 -7.26 17.12
C GLU D 141 16.11 -8.71 16.72
N THR D 142 16.44 -9.65 17.61
CA THR D 142 16.24 -11.07 17.32
C THR D 142 14.77 -11.38 17.08
N CYS D 143 13.89 -10.88 17.95
CA CYS D 143 12.46 -11.13 17.78
C CYS D 143 11.93 -10.53 16.49
N TYR D 144 12.37 -9.32 16.15
CA TYR D 144 11.95 -8.70 14.90
C TYR D 144 12.39 -9.53 13.69
N PHE D 145 13.63 -10.04 13.73
CA PHE D 145 14.13 -10.84 12.63
C PHE D 145 13.35 -12.16 12.50
N VAL D 146 13.17 -12.87 13.61
CA VAL D 146 12.48 -14.15 13.56
C VAL D 146 11.01 -13.97 13.20
N GLU D 147 10.37 -12.93 13.73
CA GLU D 147 8.97 -12.69 13.43
C GLU D 147 8.76 -12.42 11.94
N ALA D 148 9.67 -11.68 11.33
CA ALA D 148 9.55 -11.39 9.90
C ALA D 148 9.60 -12.67 9.08
N LEU D 149 10.50 -13.59 9.44
CA LEU D 149 10.60 -14.86 8.71
C LEU D 149 9.38 -15.73 8.94
N LEU D 150 8.87 -15.77 10.18
CA LEU D 150 7.73 -16.61 10.49
C LEU D 150 6.45 -16.11 9.82
N LYS D 151 6.26 -14.80 9.78
CA LYS D 151 5.08 -14.24 9.11
C LYS D 151 5.12 -14.54 7.61
N CYS D 152 6.32 -14.50 7.02
CA CYS D 152 6.45 -14.91 5.62
C CYS D 152 6.18 -16.40 5.47
N ASN D 153 6.59 -17.21 6.45
CA ASN D 153 6.32 -18.64 6.39
C ASN D 153 4.81 -18.91 6.45
N LEU D 154 4.13 -18.29 7.40
CA LEU D 154 2.69 -18.55 7.58
C LEU D 154 1.88 -18.02 6.40
N LYS D 155 2.29 -16.89 5.81
CA LYS D 155 1.58 -16.37 4.65
C LYS D 155 1.69 -17.34 3.48
N SER D 156 2.87 -17.95 3.29
CA SER D 156 3.03 -18.93 2.23
C SER D 156 2.25 -20.19 2.53
N LEU D 157 2.18 -20.59 3.80
CA LEU D 157 1.36 -21.73 4.18
C LEU D 157 -0.11 -21.46 3.88
N ALA D 158 -0.56 -20.22 4.12
CA ALA D 158 -1.95 -19.87 3.82
C ALA D 158 -2.22 -19.93 2.33
N GLU D 159 -1.30 -19.41 1.50
CA GLU D 159 -1.51 -19.41 0.06
C GLU D 159 -1.46 -20.82 -0.52
N VAL D 160 -0.63 -21.70 0.05
CA VAL D 160 -0.57 -23.07 -0.44
C VAL D 160 -1.79 -23.86 0.01
N SER D 161 -2.22 -23.65 1.26
CA SER D 161 -3.38 -24.37 1.77
C SER D 161 -4.64 -24.02 0.99
N GLU D 162 -4.77 -22.77 0.56
CA GLU D 162 -6.00 -22.33 -0.09
C GLU D 162 -6.06 -22.65 -1.58
N ARG D 163 -4.96 -23.10 -2.19
CA ARG D 163 -5.04 -23.67 -3.52
C ARG D 163 -5.38 -25.16 -3.50
N LEU D 164 -5.21 -25.81 -2.35
CA LEU D 164 -5.54 -27.22 -2.21
C LEU D 164 -6.99 -27.42 -1.81
N VAL D 165 -7.68 -26.35 -1.39
CA VAL D 165 -9.13 -26.40 -1.25
C VAL D 165 -9.82 -26.41 -2.60
N VAL D 166 -9.09 -26.20 -3.68
CA VAL D 166 -9.67 -26.32 -5.01
C VAL D 166 -8.95 -27.39 -5.85
N LYS D 167 -9.21 -28.66 -5.54
CA LYS D 167 -10.00 -29.09 -4.41
C LYS D 167 -9.24 -30.20 -3.68
MG MG E . -24.50 14.51 6.69
MG MG F . -24.76 10.74 5.94
C1 A8S G . -21.67 5.53 -15.61
C2 A8S G . -20.84 6.80 -15.69
C3 A8S G . -20.97 7.89 -14.91
C4 A8S G . -21.98 8.00 -13.86
C5 A8S G . -22.30 9.16 -13.30
C6 A8S G . -20.06 9.04 -15.13
C7 A8S G . -23.34 9.25 -12.22
O7 A8S G . -24.18 8.13 -12.12
C8 A8S G . -22.64 9.40 -10.89
C9 A8S G . -22.23 10.58 -10.44
C10 A8S G . -22.60 11.83 -11.11
O10 A8S G . -22.23 12.91 -10.67
C11 A8S G . -23.43 11.75 -12.37
O11 A8S G . -21.68 4.78 -16.65
C12 A8S G . -24.27 10.46 -12.51
O12 A8S G . -22.28 5.25 -14.57
C13 A8S G . -22.05 8.16 -10.30
C14 A8S G . -25.44 10.53 -11.52
C15 A8S G . -24.84 10.41 -13.92
MG MG H . 22.73 -13.51 -5.54
MG MG I . 26.16 -11.48 -5.87
C1 A8S J . 11.43 -21.85 10.28
C2 A8S J . 11.90 -20.64 11.08
C3 A8S J . 12.99 -19.89 10.82
C4 A8S J . 13.89 -20.15 9.72
C5 A8S J . 15.10 -19.62 9.63
C6 A8S J . 13.29 -18.74 11.72
C7 A8S J . 16.02 -19.92 8.49
O7 A8S J . 15.58 -20.95 7.64
C8 A8S J . 16.15 -18.68 7.62
C9 A8S J . 17.04 -17.73 7.87
C10 A8S J . 18.07 -17.89 8.90
O10 A8S J . 18.91 -17.02 9.10
C11 A8S J . 18.07 -19.16 9.73
O11 A8S J . 10.65 -22.67 10.87
C12 A8S J . 17.40 -20.38 9.04
O12 A8S J . 11.80 -22.00 9.12
C13 A8S J . 15.02 -18.40 6.70
C14 A8S J . 18.32 -20.90 7.93
C15 A8S J . 17.24 -21.48 10.08
#